data_2N6O
#
_entry.id   2N6O
#
_entity_poly.entity_id   1
_entity_poly.type   'polypeptide(L)'
_entity_poly.pdbx_seq_one_letter_code
;ECRYLFGGCSSTSDCCKHLSCRSDWKYCAWDGTFS
;
_entity_poly.pdbx_strand_id   A
#
# COMPACT_ATOMS: atom_id res chain seq x y z
N GLU A 1 8.72 6.10 -7.20
CA GLU A 1 8.79 5.23 -6.03
C GLU A 1 7.42 4.61 -5.74
N CYS A 2 6.99 3.70 -6.61
CA CYS A 2 5.71 3.03 -6.45
C CYS A 2 5.85 1.52 -6.63
N ARG A 3 5.14 0.76 -5.80
CA ARG A 3 5.20 -0.69 -5.87
C ARG A 3 3.78 -1.29 -5.83
N TYR A 4 3.70 -2.60 -6.04
CA TYR A 4 2.42 -3.29 -6.03
C TYR A 4 2.04 -3.73 -4.61
N LEU A 5 0.93 -4.45 -4.50
CA LEU A 5 0.47 -4.93 -3.21
C LEU A 5 1.57 -5.68 -2.47
N PHE A 6 2.22 -6.61 -3.17
CA PHE A 6 3.31 -7.39 -2.58
C PHE A 6 4.60 -6.59 -2.53
N GLY A 7 4.55 -5.38 -3.08
CA GLY A 7 5.72 -4.52 -3.10
C GLY A 7 6.26 -4.25 -1.70
N GLY A 8 5.50 -3.49 -0.93
CA GLY A 8 5.93 -3.17 0.44
C GLY A 8 6.35 -1.72 0.58
N CYS A 9 5.81 -1.05 1.59
CA CYS A 9 6.14 0.35 1.84
C CYS A 9 5.88 0.72 3.30
N SER A 10 6.15 1.97 3.64
CA SER A 10 5.95 2.45 5.00
C SER A 10 4.81 3.46 5.06
N SER A 11 4.52 4.10 3.93
CA SER A 11 3.45 5.08 3.84
C SER A 11 2.55 4.81 2.64
N THR A 12 1.35 5.39 2.67
CA THR A 12 0.40 5.20 1.59
C THR A 12 0.84 5.95 0.33
N SER A 13 1.64 6.99 0.53
CA SER A 13 2.12 7.80 -0.59
C SER A 13 2.92 6.94 -1.57
N ASP A 14 3.42 5.81 -1.08
CA ASP A 14 4.20 4.90 -1.91
C ASP A 14 3.30 4.18 -2.92
N CYS A 15 2.11 3.78 -2.47
CA CYS A 15 1.17 3.08 -3.32
C CYS A 15 0.63 4.00 -4.41
N CYS A 16 0.93 3.66 -5.66
CA CYS A 16 0.49 4.45 -6.80
C CYS A 16 -0.39 3.62 -7.73
N LYS A 17 -0.46 2.32 -7.47
CA LYS A 17 -1.25 1.41 -8.29
C LYS A 17 -2.65 1.22 -7.68
N HIS A 18 -3.20 2.29 -7.12
CA HIS A 18 -4.51 2.23 -6.50
C HIS A 18 -4.52 1.28 -5.30
N LEU A 19 -3.44 1.32 -4.53
CA LEU A 19 -3.31 0.47 -3.35
C LEU A 19 -3.17 1.31 -2.08
N SER A 20 -3.37 0.68 -0.93
CA SER A 20 -3.27 1.36 0.35
C SER A 20 -2.22 0.71 1.24
N CYS A 21 -1.19 1.46 1.58
CA CYS A 21 -0.12 0.96 2.43
C CYS A 21 -0.57 0.87 3.89
N ARG A 22 -0.82 -0.36 4.34
CA ARG A 22 -1.26 -0.58 5.72
C ARG A 22 -0.09 -0.44 6.69
N SER A 23 -0.33 0.28 7.78
CA SER A 23 0.71 0.50 8.79
C SER A 23 0.88 -0.75 9.65
N ASP A 24 0.03 -1.74 9.44
CA ASP A 24 0.09 -2.99 10.19
C ASP A 24 1.22 -3.87 9.68
N TRP A 25 1.17 -4.23 8.40
CA TRP A 25 2.18 -5.08 7.79
C TRP A 25 3.16 -4.24 6.98
N LYS A 26 2.85 -2.97 6.79
CA LYS A 26 3.70 -2.06 6.03
C LYS A 26 3.80 -2.50 4.57
N TYR A 27 2.66 -2.73 3.94
CA TYR A 27 2.62 -3.16 2.55
C TYR A 27 1.34 -2.70 1.87
N CYS A 28 1.43 -2.37 0.58
CA CYS A 28 0.28 -1.92 -0.19
C CYS A 28 -0.87 -2.92 -0.08
N ALA A 29 -2.09 -2.44 -0.30
CA ALA A 29 -3.27 -3.28 -0.23
C ALA A 29 -4.26 -2.92 -1.33
N TRP A 30 -4.91 -3.94 -1.89
CA TRP A 30 -5.89 -3.73 -2.95
C TRP A 30 -7.19 -3.17 -2.39
N ASP A 31 -8.04 -2.68 -3.29
CA ASP A 31 -9.33 -2.12 -2.88
C ASP A 31 -9.14 -0.98 -1.87
N GLY A 32 -8.02 -0.27 -2.00
CA GLY A 32 -7.73 0.83 -1.10
C GLY A 32 -7.70 0.39 0.35
N THR A 33 -7.97 1.33 1.25
CA THR A 33 -7.97 1.05 2.68
C THR A 33 -9.09 0.08 3.04
N PHE A 34 -8.96 -0.56 4.20
CA PHE A 34 -9.97 -1.51 4.66
C PHE A 34 -10.61 -1.04 5.96
N SER A 35 -11.93 -0.99 5.98
CA SER A 35 -12.67 -0.54 7.16
C SER A 35 -12.91 -1.70 8.12
N GLU A 1 8.79 6.00 -7.08
CA GLU A 1 8.99 4.99 -6.05
C GLU A 1 7.67 4.32 -5.68
N CYS A 2 6.95 3.83 -6.68
CA CYS A 2 5.68 3.17 -6.47
C CYS A 2 5.80 1.66 -6.63
N ARG A 3 5.04 0.92 -5.84
CA ARG A 3 5.08 -0.54 -5.90
C ARG A 3 3.67 -1.12 -5.85
N TYR A 4 3.57 -2.43 -6.04
CA TYR A 4 2.28 -3.11 -6.02
C TYR A 4 1.95 -3.61 -4.62
N LEU A 5 0.84 -4.33 -4.49
CA LEU A 5 0.41 -4.88 -3.22
C LEU A 5 1.53 -5.64 -2.54
N PHE A 6 2.17 -6.53 -3.29
CA PHE A 6 3.28 -7.33 -2.76
C PHE A 6 4.57 -6.50 -2.71
N GLY A 7 4.53 -5.32 -3.32
CA GLY A 7 5.70 -4.45 -3.31
C GLY A 7 6.25 -4.22 -1.92
N GLY A 8 5.51 -3.49 -1.10
CA GLY A 8 5.95 -3.21 0.25
C GLY A 8 6.41 -1.78 0.43
N CYS A 9 5.82 -1.09 1.40
CA CYS A 9 6.16 0.30 1.67
C CYS A 9 5.93 0.64 3.14
N SER A 10 6.20 1.89 3.50
CA SER A 10 6.04 2.35 4.88
C SER A 10 4.90 3.37 4.97
N SER A 11 4.61 4.02 3.85
CA SER A 11 3.55 5.03 3.81
C SER A 11 2.64 4.80 2.61
N THR A 12 1.46 5.41 2.65
CA THR A 12 0.49 5.27 1.58
C THR A 12 0.95 6.01 0.33
N SER A 13 1.80 7.00 0.51
CA SER A 13 2.32 7.79 -0.59
C SER A 13 3.04 6.91 -1.61
N ASP A 14 3.50 5.74 -1.14
CA ASP A 14 4.19 4.80 -2.00
C ASP A 14 3.23 4.12 -2.97
N CYS A 15 2.05 3.78 -2.47
CA CYS A 15 1.04 3.13 -3.29
C CYS A 15 0.51 4.07 -4.37
N CYS A 16 0.83 3.75 -5.62
CA CYS A 16 0.39 4.57 -6.75
C CYS A 16 -0.50 3.77 -7.70
N LYS A 17 -0.54 2.45 -7.49
CA LYS A 17 -1.36 1.57 -8.31
C LYS A 17 -2.72 1.33 -7.67
N HIS A 18 -3.28 2.38 -7.07
CA HIS A 18 -4.58 2.28 -6.42
C HIS A 18 -4.54 1.31 -5.25
N LEU A 19 -3.55 1.48 -4.38
CA LEU A 19 -3.40 0.60 -3.22
C LEU A 19 -3.26 1.43 -1.94
N SER A 20 -3.41 0.76 -0.80
CA SER A 20 -3.29 1.43 0.49
C SER A 20 -2.21 0.77 1.35
N CYS A 21 -1.18 1.55 1.68
CA CYS A 21 -0.08 1.05 2.50
C CYS A 21 -0.47 1.01 3.98
N ARG A 22 -0.57 -0.20 4.52
CA ARG A 22 -0.93 -0.37 5.92
C ARG A 22 0.30 -0.31 6.82
N SER A 23 0.19 0.41 7.93
CA SER A 23 1.29 0.55 8.87
C SER A 23 1.48 -0.71 9.69
N ASP A 24 0.55 -1.65 9.53
CA ASP A 24 0.61 -2.92 10.25
C ASP A 24 1.67 -3.84 9.67
N TRP A 25 1.52 -4.17 8.39
CA TRP A 25 2.46 -5.05 7.71
C TRP A 25 3.43 -4.25 6.84
N LYS A 26 3.12 -2.97 6.66
CA LYS A 26 3.96 -2.09 5.85
C LYS A 26 3.98 -2.54 4.40
N TYR A 27 2.80 -2.70 3.81
CA TYR A 27 2.68 -3.13 2.43
C TYR A 27 1.39 -2.60 1.80
N CYS A 28 1.41 -2.41 0.49
CA CYS A 28 0.25 -1.91 -0.23
C CYS A 28 -0.91 -2.89 -0.14
N ALA A 29 -2.13 -2.37 -0.22
CA ALA A 29 -3.33 -3.20 -0.14
C ALA A 29 -4.33 -2.82 -1.23
N TRP A 30 -4.98 -3.83 -1.80
CA TRP A 30 -5.96 -3.60 -2.86
C TRP A 30 -7.25 -3.02 -2.28
N ASP A 31 -8.10 -2.50 -3.16
CA ASP A 31 -9.37 -1.92 -2.75
C ASP A 31 -9.15 -0.84 -1.68
N GLY A 32 -8.01 -0.16 -1.77
CA GLY A 32 -7.70 0.88 -0.82
C GLY A 32 -7.70 0.38 0.61
N THR A 33 -8.17 1.22 1.54
CA THR A 33 -8.23 0.85 2.94
C THR A 33 -9.41 -0.06 3.23
N PHE A 34 -9.26 -0.90 4.24
CA PHE A 34 -10.33 -1.83 4.62
C PHE A 34 -11.11 -1.30 5.83
N SER A 35 -12.42 -1.44 5.78
CA SER A 35 -13.28 -0.97 6.87
C SER A 35 -13.70 -2.13 7.77
N GLU A 1 9.89 5.45 -5.62
CA GLU A 1 9.36 4.51 -6.60
C GLU A 1 8.09 3.84 -6.08
N CYS A 2 7.13 3.63 -6.97
CA CYS A 2 5.87 3.01 -6.61
C CYS A 2 5.98 1.49 -6.68
N ARG A 3 5.15 0.81 -5.90
CA ARG A 3 5.16 -0.66 -5.87
C ARG A 3 3.73 -1.19 -5.84
N TYR A 4 3.60 -2.52 -5.95
CA TYR A 4 2.29 -3.16 -5.93
C TYR A 4 1.93 -3.64 -4.52
N LEU A 5 0.81 -4.34 -4.42
CA LEU A 5 0.35 -4.84 -3.13
C LEU A 5 1.46 -5.61 -2.42
N PHE A 6 2.12 -6.51 -3.14
CA PHE A 6 3.20 -7.31 -2.59
C PHE A 6 4.49 -6.49 -2.51
N GLY A 7 4.47 -5.32 -3.14
CA GLY A 7 5.64 -4.46 -3.13
C GLY A 7 6.18 -4.22 -1.73
N GLY A 8 5.43 -3.47 -0.93
CA GLY A 8 5.85 -3.17 0.42
C GLY A 8 6.33 -1.75 0.59
N CYS A 9 5.68 -1.01 1.48
CA CYS A 9 6.05 0.38 1.73
C CYS A 9 5.80 0.76 3.19
N SER A 10 6.09 2.01 3.53
CA SER A 10 5.91 2.49 4.90
C SER A 10 4.76 3.49 4.96
N SER A 11 4.47 4.12 3.83
CA SER A 11 3.40 5.11 3.76
C SER A 11 2.50 4.86 2.55
N THR A 12 1.32 5.47 2.55
CA THR A 12 0.38 5.31 1.45
C THR A 12 0.86 6.04 0.20
N SER A 13 1.70 7.05 0.40
CA SER A 13 2.23 7.83 -0.71
C SER A 13 2.97 6.93 -1.70
N ASP A 14 3.44 5.79 -1.21
CA ASP A 14 4.16 4.84 -2.04
C ASP A 14 3.22 4.14 -3.02
N CYS A 15 2.02 3.82 -2.53
CA CYS A 15 1.02 3.14 -3.36
C CYS A 15 0.55 4.05 -4.49
N CYS A 16 0.91 3.69 -5.72
CA CYS A 16 0.52 4.47 -6.89
C CYS A 16 -0.45 3.68 -7.78
N LYS A 17 -0.55 2.38 -7.51
CA LYS A 17 -1.43 1.52 -8.28
C LYS A 17 -2.80 1.39 -7.60
N HIS A 18 -3.28 2.50 -7.06
CA HIS A 18 -4.58 2.52 -6.38
C HIS A 18 -4.59 1.53 -5.21
N LEU A 19 -3.53 1.57 -4.40
CA LEU A 19 -3.41 0.68 -3.25
C LEU A 19 -3.30 1.48 -1.96
N SER A 20 -3.51 0.82 -0.83
CA SER A 20 -3.42 1.46 0.47
C SER A 20 -2.34 0.82 1.33
N CYS A 21 -1.30 1.59 1.64
CA CYS A 21 -0.20 1.09 2.45
C CYS A 21 -0.59 1.05 3.93
N ARG A 22 -0.80 -0.15 4.44
CA ARG A 22 -1.19 -0.32 5.83
C ARG A 22 0.03 -0.20 6.76
N SER A 23 -0.13 0.54 7.84
CA SER A 23 0.96 0.73 8.79
C SER A 23 1.15 -0.50 9.66
N ASP A 24 0.25 -1.47 9.51
CA ASP A 24 0.33 -2.71 10.27
C ASP A 24 1.42 -3.63 9.73
N TRP A 25 1.30 -3.99 8.46
CA TRP A 25 2.27 -4.87 7.82
C TRP A 25 3.22 -4.07 6.95
N LYS A 26 2.91 -2.80 6.75
CA LYS A 26 3.75 -1.92 5.92
C LYS A 26 3.79 -2.40 4.49
N TYR A 27 2.62 -2.57 3.88
CA TYR A 27 2.53 -3.03 2.50
C TYR A 27 1.25 -2.52 1.84
N CYS A 28 1.32 -2.30 0.54
CA CYS A 28 0.16 -1.82 -0.22
C CYS A 28 -1.00 -2.80 -0.12
N ALA A 29 -2.22 -2.28 -0.23
CA ALA A 29 -3.42 -3.10 -0.15
C ALA A 29 -4.40 -2.75 -1.27
N TRP A 30 -5.08 -3.77 -1.79
CA TRP A 30 -6.04 -3.58 -2.87
C TRP A 30 -7.36 -3.03 -2.33
N ASP A 31 -8.22 -2.55 -3.23
CA ASP A 31 -9.51 -2.01 -2.83
C ASP A 31 -9.35 -0.90 -1.80
N GLY A 32 -8.19 -0.24 -1.83
CA GLY A 32 -7.93 0.83 -0.90
C GLY A 32 -7.89 0.36 0.55
N THR A 33 -8.28 1.24 1.46
CA THR A 33 -8.29 0.90 2.88
C THR A 33 -9.40 -0.09 3.21
N PHE A 34 -9.08 -1.09 4.01
CA PHE A 34 -10.05 -2.11 4.40
C PHE A 34 -11.12 -1.51 5.32
N SER A 35 -12.28 -2.16 5.35
CA SER A 35 -13.38 -1.70 6.18
C SER A 35 -13.19 -2.10 7.64
N GLU A 1 8.93 6.49 -5.88
CA GLU A 1 8.85 5.08 -6.27
C GLU A 1 7.49 4.50 -5.91
N CYS A 2 7.01 3.58 -6.75
CA CYS A 2 5.72 2.93 -6.52
C CYS A 2 5.83 1.43 -6.65
N ARG A 3 5.05 0.70 -5.85
CA ARG A 3 5.06 -0.76 -5.87
C ARG A 3 3.64 -1.31 -5.82
N TYR A 4 3.53 -2.62 -5.98
CA TYR A 4 2.23 -3.29 -5.95
C TYR A 4 1.88 -3.73 -4.53
N LEU A 5 0.75 -4.42 -4.40
CA LEU A 5 0.30 -4.91 -3.10
C LEU A 5 1.41 -5.68 -2.39
N PHE A 6 2.04 -6.60 -3.10
CA PHE A 6 3.13 -7.39 -2.55
C PHE A 6 4.43 -6.60 -2.50
N GLY A 7 4.41 -5.43 -3.14
CA GLY A 7 5.59 -4.59 -3.17
C GLY A 7 6.14 -4.31 -1.78
N GLY A 8 5.39 -3.53 -1.00
CA GLY A 8 5.81 -3.19 0.35
C GLY A 8 6.28 -1.76 0.47
N CYS A 9 5.78 -1.06 1.49
CA CYS A 9 6.15 0.33 1.71
C CYS A 9 5.93 0.72 3.17
N SER A 10 6.24 1.97 3.50
CA SER A 10 6.07 2.47 4.87
C SER A 10 4.93 3.49 4.94
N SER A 11 4.64 4.12 3.81
CA SER A 11 3.58 5.12 3.75
C SER A 11 2.66 4.87 2.55
N THR A 12 1.49 5.49 2.58
CA THR A 12 0.52 5.33 1.50
C THR A 12 0.98 6.04 0.23
N SER A 13 1.84 7.04 0.41
CA SER A 13 2.37 7.80 -0.73
C SER A 13 3.10 6.89 -1.70
N ASP A 14 3.55 5.74 -1.21
CA ASP A 14 4.26 4.77 -2.04
C ASP A 14 3.31 4.08 -3.00
N CYS A 15 2.12 3.75 -2.52
CA CYS A 15 1.12 3.08 -3.33
C CYS A 15 0.61 3.99 -4.44
N CYS A 16 0.90 3.64 -5.69
CA CYS A 16 0.48 4.43 -6.83
C CYS A 16 -0.44 3.63 -7.74
N LYS A 17 -0.53 2.32 -7.48
CA LYS A 17 -1.37 1.43 -8.28
C LYS A 17 -2.74 1.27 -7.63
N HIS A 18 -3.26 2.36 -7.07
CA HIS A 18 -4.57 2.33 -6.43
C HIS A 18 -4.57 1.40 -5.22
N LEU A 19 -3.52 1.46 -4.43
CA LEU A 19 -3.39 0.61 -3.25
C LEU A 19 -3.22 1.46 -1.99
N SER A 20 -3.41 0.83 -0.83
CA SER A 20 -3.28 1.52 0.44
C SER A 20 -2.21 0.87 1.31
N CYS A 21 -1.17 1.63 1.64
CA CYS A 21 -0.08 1.12 2.46
C CYS A 21 -0.48 1.08 3.93
N ARG A 22 -0.64 -0.13 4.46
CA ARG A 22 -1.03 -0.31 5.86
C ARG A 22 0.16 -0.09 6.79
N SER A 23 -0.05 0.69 7.84
CA SER A 23 0.99 0.99 8.80
C SER A 23 1.24 -0.19 9.73
N ASP A 24 0.42 -1.24 9.58
CA ASP A 24 0.54 -2.43 10.41
C ASP A 24 1.54 -3.40 9.78
N TRP A 25 1.26 -3.84 8.56
CA TRP A 25 2.12 -4.78 7.86
C TRP A 25 3.15 -4.04 7.00
N LYS A 26 2.92 -2.75 6.80
CA LYS A 26 3.83 -1.92 6.01
C LYS A 26 3.87 -2.40 4.56
N TYR A 27 2.68 -2.55 3.96
CA TYR A 27 2.59 -3.00 2.58
C TYR A 27 1.32 -2.47 1.93
N CYS A 28 1.34 -2.37 0.60
CA CYS A 28 0.18 -1.87 -0.15
C CYS A 28 -0.99 -2.84 -0.03
N ALA A 29 -2.20 -2.31 -0.20
CA ALA A 29 -3.40 -3.11 -0.11
C ALA A 29 -4.40 -2.74 -1.19
N TRP A 30 -5.07 -3.74 -1.76
CA TRP A 30 -6.05 -3.51 -2.81
C TRP A 30 -7.34 -2.92 -2.24
N ASP A 31 -8.18 -2.41 -3.13
CA ASP A 31 -9.45 -1.82 -2.71
C ASP A 31 -9.23 -0.77 -1.62
N GLY A 32 -8.15 0.00 -1.76
CA GLY A 32 -7.85 1.02 -0.78
C GLY A 32 -7.67 0.46 0.61
N THR A 33 -8.12 1.20 1.61
CA THR A 33 -7.99 0.78 3.00
C THR A 33 -9.16 -0.13 3.40
N PHE A 34 -8.85 -1.16 4.18
CA PHE A 34 -9.86 -2.11 4.64
C PHE A 34 -10.72 -1.50 5.74
N SER A 35 -11.99 -1.91 5.79
CA SER A 35 -12.91 -1.41 6.80
C SER A 35 -12.83 -2.24 8.07
N GLU A 1 9.57 5.15 -4.74
CA GLU A 1 9.01 4.59 -5.96
C GLU A 1 7.72 3.83 -5.67
N CYS A 2 6.79 3.88 -6.62
CA CYS A 2 5.51 3.21 -6.47
C CYS A 2 5.66 1.70 -6.66
N ARG A 3 4.97 0.93 -5.83
CA ARG A 3 5.02 -0.53 -5.91
C ARG A 3 3.63 -1.14 -5.85
N TYR A 4 3.55 -2.44 -6.06
CA TYR A 4 2.27 -3.14 -6.04
C TYR A 4 1.93 -3.60 -4.62
N LEU A 5 0.84 -4.33 -4.48
CA LEU A 5 0.40 -4.84 -3.19
C LEU A 5 1.53 -5.58 -2.49
N PHE A 6 2.17 -6.49 -3.22
CA PHE A 6 3.27 -7.27 -2.67
C PHE A 6 4.55 -6.45 -2.63
N GLY A 7 4.49 -5.25 -3.19
CA GLY A 7 5.66 -4.38 -3.20
C GLY A 7 6.21 -4.10 -1.81
N GLY A 8 5.45 -3.34 -1.02
CA GLY A 8 5.88 -3.02 0.32
C GLY A 8 6.30 -1.57 0.46
N CYS A 9 5.79 -0.91 1.50
CA CYS A 9 6.12 0.49 1.75
C CYS A 9 5.90 0.85 3.22
N SER A 10 6.17 2.11 3.55
CA SER A 10 6.00 2.58 4.92
C SER A 10 4.84 3.56 5.03
N SER A 11 4.50 4.19 3.91
CA SER A 11 3.40 5.14 3.88
C SER A 11 2.48 4.88 2.69
N THR A 12 1.28 5.44 2.75
CA THR A 12 0.29 5.26 1.69
C THR A 12 0.70 6.02 0.43
N SER A 13 1.49 7.08 0.63
CA SER A 13 1.94 7.90 -0.49
C SER A 13 2.74 7.07 -1.49
N ASP A 14 3.26 5.94 -1.03
CA ASP A 14 4.05 5.04 -1.88
C ASP A 14 3.15 4.32 -2.87
N CYS A 15 1.98 3.90 -2.41
CA CYS A 15 1.03 3.19 -3.26
C CYS A 15 0.47 4.11 -4.34
N CYS A 16 0.76 3.80 -5.59
CA CYS A 16 0.28 4.59 -6.71
C CYS A 16 -0.59 3.76 -7.65
N LYS A 17 -0.63 2.45 -7.41
CA LYS A 17 -1.42 1.55 -8.22
C LYS A 17 -2.79 1.31 -7.60
N HIS A 18 -3.36 2.37 -7.03
CA HIS A 18 -4.67 2.27 -6.39
C HIS A 18 -4.64 1.31 -5.21
N LEU A 19 -3.59 1.41 -4.41
CA LEU A 19 -3.44 0.54 -3.24
C LEU A 19 -3.28 1.38 -1.97
N SER A 20 -3.45 0.73 -0.82
CA SER A 20 -3.32 1.42 0.46
C SER A 20 -2.25 0.76 1.32
N CYS A 21 -1.22 1.51 1.66
CA CYS A 21 -0.13 1.01 2.48
C CYS A 21 -0.55 0.88 3.94
N ARG A 22 -0.79 -0.35 4.37
CA ARG A 22 -1.21 -0.60 5.75
C ARG A 22 -0.04 -0.43 6.71
N SER A 23 -0.28 0.29 7.81
CA SER A 23 0.75 0.55 8.81
C SER A 23 0.99 -0.70 9.66
N ASP A 24 0.16 -1.72 9.46
CA ASP A 24 0.27 -2.96 10.22
C ASP A 24 1.40 -3.83 9.66
N TRP A 25 1.28 -4.20 8.39
CA TRP A 25 2.29 -5.03 7.74
C TRP A 25 3.26 -4.18 6.93
N LYS A 26 2.93 -2.91 6.78
CA LYS A 26 3.78 -1.99 6.02
C LYS A 26 3.85 -2.40 4.56
N TYR A 27 2.70 -2.62 3.94
CA TYR A 27 2.64 -3.02 2.54
C TYR A 27 1.34 -2.56 1.89
N CYS A 28 1.40 -2.30 0.60
CA CYS A 28 0.23 -1.84 -0.15
C CYS A 28 -0.91 -2.85 -0.03
N ALA A 29 -2.14 -2.38 -0.25
CA ALA A 29 -3.31 -3.24 -0.17
C ALA A 29 -4.34 -2.87 -1.24
N TRP A 30 -4.99 -3.88 -1.79
CA TRP A 30 -6.00 -3.67 -2.83
C TRP A 30 -7.29 -3.13 -2.23
N ASP A 31 -8.17 -2.63 -3.09
CA ASP A 31 -9.45 -2.09 -2.65
C ASP A 31 -9.24 -1.00 -1.59
N GLY A 32 -8.10 -0.33 -1.66
CA GLY A 32 -7.80 0.72 -0.71
C GLY A 32 -7.80 0.22 0.72
N THR A 33 -8.41 1.00 1.61
CA THR A 33 -8.49 0.63 3.03
C THR A 33 -9.61 -0.38 3.28
N PHE A 34 -9.59 -1.00 4.45
CA PHE A 34 -10.61 -1.98 4.81
C PHE A 34 -11.31 -1.57 6.10
N SER A 35 -12.52 -2.10 6.29
CA SER A 35 -13.31 -1.79 7.48
C SER A 35 -12.64 -2.34 8.73
N GLU A 1 9.77 5.34 -5.61
CA GLU A 1 9.14 4.58 -6.68
C GLU A 1 7.91 3.83 -6.17
N CYS A 2 6.86 3.81 -6.98
CA CYS A 2 5.62 3.12 -6.61
C CYS A 2 5.78 1.61 -6.71
N ARG A 3 5.07 0.89 -5.84
CA ARG A 3 5.13 -0.56 -5.83
C ARG A 3 3.74 -1.16 -5.81
N TYR A 4 3.67 -2.49 -5.92
CA TYR A 4 2.39 -3.19 -5.92
C TYR A 4 2.05 -3.67 -4.51
N LEU A 5 0.94 -4.41 -4.41
CA LEU A 5 0.50 -4.94 -3.11
C LEU A 5 1.63 -5.66 -2.41
N PHE A 6 2.31 -6.55 -3.13
CA PHE A 6 3.42 -7.31 -2.56
C PHE A 6 4.68 -6.46 -2.49
N GLY A 7 4.63 -5.27 -3.08
CA GLY A 7 5.76 -4.37 -3.07
C GLY A 7 6.32 -4.16 -1.67
N GLY A 8 5.55 -3.46 -0.83
CA GLY A 8 6.00 -3.20 0.52
C GLY A 8 6.47 -1.77 0.72
N CYS A 9 5.69 -0.98 1.45
CA CYS A 9 6.05 0.41 1.70
C CYS A 9 5.79 0.78 3.17
N SER A 10 6.05 2.03 3.52
CA SER A 10 5.86 2.51 4.87
C SER A 10 4.70 3.50 4.95
N SER A 11 4.40 4.13 3.80
CA SER A 11 3.31 5.10 3.74
C SER A 11 2.44 4.83 2.51
N THR A 12 1.24 5.43 2.52
CA THR A 12 0.31 5.27 1.41
C THR A 12 0.79 6.00 0.17
N SER A 13 1.65 7.00 0.37
CA SER A 13 2.19 7.77 -0.74
C SER A 13 2.90 6.88 -1.74
N ASP A 14 3.34 5.72 -1.28
CA ASP A 14 4.05 4.77 -2.14
C ASP A 14 3.07 4.08 -3.08
N CYS A 15 1.89 3.74 -2.58
CA CYS A 15 0.88 3.07 -3.38
C CYS A 15 0.37 3.99 -4.48
N CYS A 16 0.65 3.61 -5.73
CA CYS A 16 0.23 4.39 -6.88
C CYS A 16 -0.73 3.59 -7.77
N LYS A 17 -0.80 2.28 -7.52
CA LYS A 17 -1.67 1.40 -8.29
C LYS A 17 -3.02 1.23 -7.60
N HIS A 18 -3.52 2.31 -7.00
CA HIS A 18 -4.80 2.27 -6.31
C HIS A 18 -4.74 1.32 -5.11
N LEU A 19 -3.61 1.33 -4.41
CA LEU A 19 -3.43 0.47 -3.24
C LEU A 19 -3.34 1.30 -1.97
N SER A 20 -3.50 0.64 -0.82
CA SER A 20 -3.44 1.32 0.47
C SER A 20 -2.35 0.71 1.34
N CYS A 21 -1.33 1.51 1.64
CA CYS A 21 -0.21 1.08 2.47
C CYS A 21 -0.59 1.09 3.94
N ARG A 22 -0.78 -0.10 4.51
CA ARG A 22 -1.14 -0.21 5.92
C ARG A 22 0.09 -0.15 6.82
N SER A 23 -0.02 0.58 7.92
CA SER A 23 1.10 0.72 8.85
C SER A 23 1.26 -0.54 9.70
N ASP A 24 0.33 -1.47 9.55
CA ASP A 24 0.37 -2.73 10.29
C ASP A 24 1.43 -3.65 9.73
N TRP A 25 1.30 -4.00 8.45
CA TRP A 25 2.25 -4.88 7.80
C TRP A 25 3.23 -4.09 6.93
N LYS A 26 2.92 -2.82 6.71
CA LYS A 26 3.77 -1.95 5.91
C LYS A 26 3.85 -2.44 4.47
N TYR A 27 2.69 -2.67 3.86
CA TYR A 27 2.62 -3.15 2.49
C TYR A 27 1.32 -2.70 1.82
N CYS A 28 1.41 -2.35 0.54
CA CYS A 28 0.25 -1.91 -0.22
C CYS A 28 -0.89 -2.92 -0.12
N ALA A 29 -2.12 -2.44 -0.19
CA ALA A 29 -3.29 -3.30 -0.12
C ALA A 29 -4.29 -2.98 -1.22
N TRP A 30 -4.93 -4.00 -1.77
CA TRP A 30 -5.91 -3.83 -2.83
C TRP A 30 -7.23 -3.33 -2.26
N ASP A 31 -8.10 -2.86 -3.15
CA ASP A 31 -9.41 -2.35 -2.75
C ASP A 31 -9.26 -1.22 -1.73
N GLY A 32 -8.14 -0.52 -1.79
CA GLY A 32 -7.89 0.58 -0.88
C GLY A 32 -7.99 0.15 0.57
N THR A 33 -8.30 1.11 1.45
CA THR A 33 -8.43 0.82 2.87
C THR A 33 -9.54 -0.19 3.13
N PHE A 34 -9.36 -0.99 4.18
CA PHE A 34 -10.35 -2.00 4.54
C PHE A 34 -11.05 -1.64 5.85
N SER A 35 -12.38 -1.58 5.81
CA SER A 35 -13.16 -1.25 6.99
C SER A 35 -14.59 -1.80 6.87
N GLU A 1 8.73 6.55 -6.56
CA GLU A 1 8.80 5.12 -6.31
C GLU A 1 7.42 4.55 -5.98
N CYS A 2 6.98 3.58 -6.78
CA CYS A 2 5.67 2.96 -6.58
C CYS A 2 5.78 1.45 -6.73
N ARG A 3 5.07 0.72 -5.87
CA ARG A 3 5.08 -0.74 -5.90
C ARG A 3 3.65 -1.29 -5.83
N TYR A 4 3.52 -2.59 -6.00
CA TYR A 4 2.22 -3.25 -5.97
C TYR A 4 1.86 -3.65 -4.54
N LEU A 5 0.73 -4.33 -4.40
CA LEU A 5 0.26 -4.78 -3.08
C LEU A 5 1.36 -5.55 -2.35
N PHE A 6 1.97 -6.51 -3.05
CA PHE A 6 3.04 -7.31 -2.47
C PHE A 6 4.35 -6.53 -2.45
N GLY A 7 4.35 -5.34 -3.04
CA GLY A 7 5.54 -4.53 -3.08
C GLY A 7 6.10 -4.26 -1.69
N GLY A 8 5.38 -3.46 -0.91
CA GLY A 8 5.83 -3.14 0.44
C GLY A 8 6.31 -1.70 0.55
N CYS A 9 5.81 -1.00 1.55
CA CYS A 9 6.20 0.39 1.77
C CYS A 9 5.96 0.80 3.22
N SER A 10 6.27 2.05 3.54
CA SER A 10 6.09 2.57 4.90
C SER A 10 5.00 3.63 4.94
N SER A 11 4.75 4.25 3.80
CA SER A 11 3.73 5.30 3.70
C SER A 11 2.79 5.02 2.54
N THR A 12 1.61 5.64 2.58
CA THR A 12 0.62 5.47 1.53
C THR A 12 1.04 6.17 0.24
N SER A 13 1.88 7.19 0.38
CA SER A 13 2.36 7.94 -0.76
C SER A 13 3.11 7.04 -1.74
N ASP A 14 3.58 5.90 -1.23
CA ASP A 14 4.31 4.94 -2.06
C ASP A 14 3.37 4.23 -3.02
N CYS A 15 2.18 3.89 -2.53
CA CYS A 15 1.19 3.20 -3.34
C CYS A 15 0.66 4.12 -4.45
N CYS A 16 0.93 3.74 -5.70
CA CYS A 16 0.49 4.52 -6.85
C CYS A 16 -0.42 3.69 -7.76
N LYS A 17 -0.51 2.40 -7.46
CA LYS A 17 -1.35 1.50 -8.25
C LYS A 17 -2.73 1.35 -7.61
N HIS A 18 -3.25 2.44 -7.08
CA HIS A 18 -4.56 2.43 -6.44
C HIS A 18 -4.57 1.52 -5.21
N LEU A 19 -3.47 1.55 -4.46
CA LEU A 19 -3.35 0.73 -3.26
C LEU A 19 -3.16 1.60 -2.02
N SER A 20 -3.35 1.00 -0.85
CA SER A 20 -3.20 1.72 0.41
C SER A 20 -2.16 1.05 1.30
N CYS A 21 -1.11 1.79 1.62
CA CYS A 21 -0.04 1.27 2.47
C CYS A 21 -0.46 1.26 3.93
N ARG A 22 -0.72 0.06 4.46
CA ARG A 22 -1.12 -0.09 5.85
C ARG A 22 0.07 0.00 6.79
N SER A 23 -0.09 0.75 7.87
CA SER A 23 0.99 0.93 8.85
C SER A 23 1.13 -0.31 9.73
N ASP A 24 0.21 -1.27 9.55
CA ASP A 24 0.23 -2.50 10.33
C ASP A 24 1.29 -3.46 9.78
N TRP A 25 1.15 -3.82 8.52
CA TRP A 25 2.09 -4.74 7.88
C TRP A 25 3.10 -3.98 7.03
N LYS A 26 2.85 -2.70 6.83
CA LYS A 26 3.74 -1.86 6.05
C LYS A 26 3.81 -2.33 4.60
N TYR A 27 2.64 -2.52 3.99
CA TYR A 27 2.56 -2.97 2.61
C TYR A 27 1.29 -2.47 1.94
N CYS A 28 1.37 -2.21 0.64
CA CYS A 28 0.23 -1.72 -0.12
C CYS A 28 -0.96 -2.67 0.02
N ALA A 29 -2.16 -2.14 -0.15
CA ALA A 29 -3.38 -2.94 -0.05
C ALA A 29 -4.38 -2.58 -1.14
N TRP A 30 -5.07 -3.58 -1.67
CA TRP A 30 -6.05 -3.36 -2.72
C TRP A 30 -7.32 -2.73 -2.16
N ASP A 31 -8.17 -2.23 -3.04
CA ASP A 31 -9.42 -1.61 -2.63
C ASP A 31 -9.18 -0.54 -1.57
N GLY A 32 -8.01 0.09 -1.62
CA GLY A 32 -7.66 1.11 -0.66
C GLY A 32 -7.77 0.63 0.78
N THR A 33 -8.65 1.25 1.55
CA THR A 33 -8.84 0.87 2.94
C THR A 33 -9.61 -0.45 3.06
N PHE A 34 -9.21 -1.28 4.00
CA PHE A 34 -9.85 -2.56 4.22
C PHE A 34 -10.63 -2.57 5.55
N SER A 35 -11.85 -3.06 5.50
CA SER A 35 -12.70 -3.12 6.69
C SER A 35 -12.90 -1.72 7.28
N GLU A 1 8.78 5.66 -7.55
CA GLU A 1 8.74 5.09 -6.21
C GLU A 1 7.37 4.51 -5.91
N CYS A 2 6.95 3.53 -6.72
CA CYS A 2 5.66 2.90 -6.54
C CYS A 2 5.76 1.38 -6.71
N ARG A 3 5.06 0.64 -5.87
CA ARG A 3 5.08 -0.81 -5.92
C ARG A 3 3.66 -1.38 -5.84
N TYR A 4 3.55 -2.69 -6.03
CA TYR A 4 2.25 -3.36 -5.98
C TYR A 4 1.91 -3.78 -4.56
N LEU A 5 0.79 -4.48 -4.42
CA LEU A 5 0.34 -4.94 -3.10
C LEU A 5 1.46 -5.70 -2.39
N PHE A 6 2.07 -6.65 -3.10
CA PHE A 6 3.15 -7.45 -2.53
C PHE A 6 4.45 -6.66 -2.51
N GLY A 7 4.42 -5.46 -3.09
CA GLY A 7 5.61 -4.63 -3.13
C GLY A 7 6.17 -4.34 -1.75
N GLY A 8 5.43 -3.54 -0.97
CA GLY A 8 5.88 -3.22 0.37
C GLY A 8 6.34 -1.77 0.48
N CYS A 9 5.86 -1.07 1.50
CA CYS A 9 6.22 0.32 1.72
C CYS A 9 6.02 0.71 3.19
N SER A 10 6.32 1.97 3.49
CA SER A 10 6.18 2.47 4.86
C SER A 10 5.03 3.48 4.95
N SER A 11 4.71 4.10 3.82
CA SER A 11 3.65 5.09 3.77
C SER A 11 2.71 4.82 2.59
N THR A 12 1.51 5.41 2.65
CA THR A 12 0.54 5.23 1.58
C THR A 12 0.96 5.97 0.31
N SER A 13 1.77 7.00 0.48
CA SER A 13 2.26 7.79 -0.65
C SER A 13 3.02 6.91 -1.64
N ASP A 14 3.52 5.78 -1.15
CA ASP A 14 4.26 4.85 -1.99
C ASP A 14 3.34 4.14 -2.97
N CYS A 15 2.17 3.76 -2.49
CA CYS A 15 1.18 3.07 -3.32
C CYS A 15 0.64 3.97 -4.42
N CYS A 16 0.91 3.62 -5.67
CA CYS A 16 0.46 4.41 -6.81
C CYS A 16 -0.44 3.58 -7.71
N LYS A 17 -0.51 2.28 -7.44
CA LYS A 17 -1.35 1.39 -8.23
C LYS A 17 -2.72 1.21 -7.60
N HIS A 18 -3.25 2.29 -7.04
CA HIS A 18 -4.56 2.25 -6.40
C HIS A 18 -4.55 1.31 -5.20
N LEU A 19 -3.48 1.38 -4.42
CA LEU A 19 -3.34 0.53 -3.24
C LEU A 19 -3.15 1.38 -1.98
N SER A 20 -3.35 0.76 -0.81
CA SER A 20 -3.19 1.46 0.46
C SER A 20 -2.14 0.79 1.32
N CYS A 21 -1.08 1.53 1.65
CA CYS A 21 0.00 1.02 2.47
C CYS A 21 -0.42 0.93 3.93
N ARG A 22 -0.70 -0.28 4.39
CA ARG A 22 -1.11 -0.50 5.77
C ARG A 22 0.06 -0.32 6.73
N SER A 23 -0.16 0.43 7.80
CA SER A 23 0.88 0.68 8.80
C SER A 23 1.09 -0.53 9.69
N ASP A 24 0.24 -1.54 9.51
CA ASP A 24 0.33 -2.76 10.29
C ASP A 24 1.42 -3.69 9.74
N TRP A 25 1.26 -4.09 8.48
CA TRP A 25 2.22 -4.97 7.83
C TRP A 25 3.22 -4.17 7.00
N LYS A 26 2.94 -2.89 6.82
CA LYS A 26 3.82 -2.01 6.05
C LYS A 26 3.89 -2.46 4.60
N TYR A 27 2.72 -2.66 3.98
CA TYR A 27 2.66 -3.09 2.59
C TYR A 27 1.37 -2.61 1.94
N CYS A 28 1.44 -2.36 0.63
CA CYS A 28 0.27 -1.89 -0.11
C CYS A 28 -0.89 -2.86 0.04
N ALA A 29 -2.11 -2.37 -0.19
CA ALA A 29 -3.30 -3.19 -0.09
C ALA A 29 -4.32 -2.82 -1.16
N TRP A 30 -5.00 -3.83 -1.69
CA TRP A 30 -5.99 -3.61 -2.73
C TRP A 30 -7.28 -3.04 -2.15
N ASP A 31 -8.15 -2.54 -3.01
CA ASP A 31 -9.42 -1.97 -2.57
C ASP A 31 -9.19 -0.89 -1.52
N GLY A 32 -8.04 -0.23 -1.59
CA GLY A 32 -7.73 0.81 -0.63
C GLY A 32 -7.81 0.33 0.80
N THR A 33 -7.90 1.26 1.74
CA THR A 33 -7.99 0.93 3.15
C THR A 33 -9.19 0.04 3.44
N PHE A 34 -8.99 -0.96 4.28
CA PHE A 34 -10.07 -1.88 4.64
C PHE A 34 -10.68 -1.50 5.99
N SER A 35 -11.97 -1.79 6.15
CA SER A 35 -12.68 -1.48 7.38
C SER A 35 -12.71 -2.69 8.32
N GLU A 1 8.72 5.58 -7.98
CA GLU A 1 9.05 4.74 -6.83
C GLU A 1 7.80 4.09 -6.25
N CYS A 2 6.91 3.66 -7.14
CA CYS A 2 5.66 3.02 -6.72
C CYS A 2 5.78 1.49 -6.82
N ARG A 3 5.06 0.79 -5.95
CA ARG A 3 5.08 -0.66 -5.95
C ARG A 3 3.67 -1.22 -5.89
N TYR A 4 3.55 -2.54 -6.02
CA TYR A 4 2.25 -3.20 -5.99
C TYR A 4 1.91 -3.68 -4.58
N LEU A 5 0.80 -4.38 -4.45
CA LEU A 5 0.36 -4.90 -3.17
C LEU A 5 1.49 -5.67 -2.47
N PHE A 6 2.12 -6.57 -3.22
CA PHE A 6 3.22 -7.37 -2.68
C PHE A 6 4.50 -6.56 -2.63
N GLY A 7 4.47 -5.35 -3.19
CA GLY A 7 5.64 -4.50 -3.20
C GLY A 7 6.23 -4.32 -1.82
N GLY A 8 5.52 -3.61 -0.95
CA GLY A 8 6.00 -3.38 0.40
C GLY A 8 6.54 -1.99 0.60
N CYS A 9 5.79 -1.17 1.33
CA CYS A 9 6.19 0.21 1.58
C CYS A 9 5.99 0.57 3.05
N SER A 10 6.32 1.81 3.41
CA SER A 10 6.18 2.28 4.78
C SER A 10 5.05 3.30 4.89
N SER A 11 4.74 3.96 3.76
CA SER A 11 3.69 4.96 3.73
C SER A 11 2.77 4.74 2.54
N THR A 12 1.60 5.37 2.58
CA THR A 12 0.63 5.25 1.50
C THR A 12 1.10 5.98 0.25
N SER A 13 1.99 6.96 0.43
CA SER A 13 2.52 7.73 -0.68
C SER A 13 3.17 6.82 -1.71
N ASP A 14 3.61 5.64 -1.26
CA ASP A 14 4.25 4.67 -2.15
C ASP A 14 3.23 4.03 -3.08
N CYS A 15 2.06 3.72 -2.54
CA CYS A 15 0.99 3.09 -3.32
C CYS A 15 0.49 4.03 -4.41
N CYS A 16 0.72 3.64 -5.66
CA CYS A 16 0.29 4.46 -6.80
C CYS A 16 -0.71 3.69 -7.66
N LYS A 17 -0.82 2.39 -7.42
CA LYS A 17 -1.74 1.55 -8.18
C LYS A 17 -3.07 1.41 -7.44
N HIS A 18 -3.51 2.49 -6.82
CA HIS A 18 -4.78 2.49 -6.09
C HIS A 18 -4.71 1.53 -4.90
N LEU A 19 -3.57 1.51 -4.23
CA LEU A 19 -3.38 0.63 -3.08
C LEU A 19 -3.25 1.44 -1.80
N SER A 20 -3.40 0.77 -0.66
CA SER A 20 -3.29 1.43 0.63
C SER A 20 -2.19 0.79 1.48
N CYS A 21 -1.13 1.56 1.73
CA CYS A 21 -0.01 1.07 2.52
C CYS A 21 -0.35 1.09 4.01
N ARG A 22 -0.57 -0.09 4.58
CA ARG A 22 -0.90 -0.21 6.00
C ARG A 22 0.37 -0.17 6.86
N SER A 23 0.30 0.55 7.97
CA SER A 23 1.43 0.67 8.87
C SER A 23 1.59 -0.60 9.71
N ASP A 24 0.63 -1.50 9.58
CA ASP A 24 0.66 -2.76 10.33
C ASP A 24 1.68 -3.72 9.72
N TRP A 25 1.49 -4.06 8.45
CA TRP A 25 2.39 -4.98 7.76
C TRP A 25 3.37 -4.22 6.87
N LYS A 26 3.09 -2.93 6.65
CA LYS A 26 3.94 -2.09 5.83
C LYS A 26 3.97 -2.59 4.39
N TYR A 27 2.78 -2.78 3.82
CA TYR A 27 2.67 -3.25 2.44
C TYR A 27 1.37 -2.76 1.80
N CYS A 28 1.45 -2.39 0.53
CA CYS A 28 0.28 -1.90 -0.20
C CYS A 28 -0.88 -2.89 -0.09
N ALA A 29 -2.10 -2.36 -0.12
CA ALA A 29 -3.29 -3.19 -0.02
C ALA A 29 -4.31 -2.81 -1.09
N TRP A 30 -4.97 -3.81 -1.66
CA TRP A 30 -5.98 -3.58 -2.69
C TRP A 30 -7.27 -3.05 -2.09
N ASP A 31 -8.16 -2.54 -2.93
CA ASP A 31 -9.43 -2.00 -2.48
C ASP A 31 -9.22 -0.94 -1.40
N GLY A 32 -8.09 -0.26 -1.46
CA GLY A 32 -7.79 0.78 -0.49
C GLY A 32 -7.92 0.28 0.94
N THR A 33 -8.60 1.04 1.78
CA THR A 33 -8.79 0.68 3.18
C THR A 33 -9.92 -0.33 3.33
N PHE A 34 -9.74 -1.30 4.22
CA PHE A 34 -10.74 -2.32 4.46
C PHE A 34 -11.72 -1.87 5.55
N SER A 35 -12.95 -1.57 5.14
CA SER A 35 -13.97 -1.12 6.09
C SER A 35 -14.23 -2.19 7.15
N GLU A 1 8.95 6.56 -5.42
CA GLU A 1 8.76 5.32 -6.17
C GLU A 1 7.41 4.69 -5.83
N CYS A 2 6.95 3.80 -6.69
CA CYS A 2 5.67 3.12 -6.49
C CYS A 2 5.81 1.61 -6.67
N ARG A 3 5.11 0.84 -5.85
CA ARG A 3 5.17 -0.61 -5.92
C ARG A 3 3.76 -1.20 -5.87
N TYR A 4 3.67 -2.52 -6.07
CA TYR A 4 2.39 -3.20 -6.06
C TYR A 4 2.02 -3.63 -4.65
N LEU A 5 0.91 -4.35 -4.52
CA LEU A 5 0.46 -4.83 -3.22
C LEU A 5 1.56 -5.58 -2.48
N PHE A 6 2.20 -6.50 -3.18
CA PHE A 6 3.28 -7.29 -2.60
C PHE A 6 4.58 -6.48 -2.55
N GLY A 7 4.53 -5.28 -3.11
CA GLY A 7 5.71 -4.43 -3.12
C GLY A 7 6.26 -4.17 -1.74
N GLY A 8 5.51 -3.40 -0.95
CA GLY A 8 5.94 -3.08 0.40
C GLY A 8 6.40 -1.65 0.54
N CYS A 9 5.89 -0.96 1.57
CA CYS A 9 6.24 0.43 1.82
C CYS A 9 6.00 0.80 3.27
N SER A 10 6.29 2.06 3.61
CA SER A 10 6.11 2.54 4.97
C SER A 10 4.97 3.55 5.05
N SER A 11 4.67 4.18 3.91
CA SER A 11 3.62 5.18 3.85
C SER A 11 2.69 4.90 2.67
N THR A 12 1.49 5.49 2.72
CA THR A 12 0.52 5.30 1.66
C THR A 12 0.93 6.03 0.39
N SER A 13 1.75 7.07 0.55
CA SER A 13 2.21 7.86 -0.59
C SER A 13 2.98 6.97 -1.57
N ASP A 14 3.48 5.85 -1.09
CA ASP A 14 4.23 4.92 -1.92
C ASP A 14 3.31 4.20 -2.90
N CYS A 15 2.12 3.83 -2.43
CA CYS A 15 1.15 3.14 -3.26
C CYS A 15 0.61 4.05 -4.35
N CYS A 16 0.88 3.71 -5.60
CA CYS A 16 0.42 4.51 -6.73
C CYS A 16 -0.48 3.68 -7.65
N LYS A 17 -0.54 2.38 -7.39
CA LYS A 17 -1.35 1.47 -8.19
C LYS A 17 -2.72 1.27 -7.55
N HIS A 18 -3.28 2.34 -6.99
CA HIS A 18 -4.58 2.28 -6.34
C HIS A 18 -4.56 1.33 -5.14
N LEU A 19 -3.46 1.37 -4.39
CA LEU A 19 -3.31 0.52 -3.22
C LEU A 19 -3.14 1.37 -1.95
N SER A 20 -3.31 0.73 -0.80
CA SER A 20 -3.19 1.42 0.48
C SER A 20 -2.11 0.76 1.34
N CYS A 21 -1.10 1.55 1.69
CA CYS A 21 0.00 1.04 2.52
C CYS A 21 -0.42 0.98 3.99
N ARG A 22 -0.77 -0.22 4.44
CA ARG A 22 -1.19 -0.42 5.82
C ARG A 22 0.00 -0.39 6.77
N SER A 23 -0.15 0.28 7.90
CA SER A 23 0.92 0.38 8.88
C SER A 23 1.07 -0.91 9.66
N ASP A 24 0.09 -1.80 9.53
CA ASP A 24 0.10 -3.08 10.22
C ASP A 24 1.22 -3.98 9.67
N TRP A 25 1.15 -4.26 8.38
CA TRP A 25 2.16 -5.11 7.74
C TRP A 25 3.17 -4.27 6.97
N LYS A 26 2.87 -2.98 6.83
CA LYS A 26 3.76 -2.07 6.12
C LYS A 26 3.88 -2.46 4.65
N TYR A 27 2.74 -2.68 4.00
CA TYR A 27 2.72 -3.07 2.60
C TYR A 27 1.42 -2.63 1.93
N CYS A 28 1.51 -2.30 0.64
CA CYS A 28 0.34 -1.87 -0.12
C CYS A 28 -0.80 -2.88 0.00
N ALA A 29 -2.02 -2.40 -0.21
CA ALA A 29 -3.20 -3.26 -0.13
C ALA A 29 -4.21 -2.89 -1.20
N TRP A 30 -4.88 -3.91 -1.76
CA TRP A 30 -5.87 -3.69 -2.80
C TRP A 30 -7.17 -3.15 -2.20
N ASP A 31 -8.04 -2.65 -3.06
CA ASP A 31 -9.33 -2.10 -2.63
C ASP A 31 -9.12 -1.03 -1.56
N GLY A 32 -7.99 -0.32 -1.65
CA GLY A 32 -7.69 0.72 -0.69
C GLY A 32 -7.69 0.21 0.74
N THR A 33 -8.19 1.03 1.65
CA THR A 33 -8.24 0.66 3.07
C THR A 33 -9.44 -0.23 3.36
N PHE A 34 -9.49 -0.79 4.57
CA PHE A 34 -10.57 -1.66 4.97
C PHE A 34 -11.16 -1.22 6.31
N SER A 35 -12.43 -1.54 6.53
CA SER A 35 -13.11 -1.18 7.77
C SER A 35 -12.33 -1.66 8.98
N GLU A 1 8.48 6.67 -7.07
CA GLU A 1 8.68 5.38 -6.43
C GLU A 1 7.34 4.76 -6.02
N CYS A 2 6.89 3.78 -6.80
CA CYS A 2 5.62 3.11 -6.53
C CYS A 2 5.77 1.60 -6.67
N ARG A 3 5.07 0.86 -5.82
CA ARG A 3 5.13 -0.60 -5.84
C ARG A 3 3.73 -1.20 -5.81
N TYR A 4 3.65 -2.51 -5.97
CA TYR A 4 2.36 -3.20 -5.96
C TYR A 4 2.00 -3.66 -4.55
N LEU A 5 0.89 -4.39 -4.44
CA LEU A 5 0.44 -4.90 -3.15
C LEU A 5 1.56 -5.64 -2.43
N PHE A 6 2.22 -6.54 -3.13
CA PHE A 6 3.32 -7.31 -2.56
C PHE A 6 4.59 -6.48 -2.49
N GLY A 7 4.55 -5.29 -3.08
CA GLY A 7 5.71 -4.42 -3.06
C GLY A 7 6.26 -4.20 -1.67
N GLY A 8 5.51 -3.49 -0.84
CA GLY A 8 5.95 -3.23 0.52
C GLY A 8 6.43 -1.81 0.71
N CYS A 9 5.69 -1.03 1.49
CA CYS A 9 6.05 0.36 1.75
C CYS A 9 5.79 0.72 3.21
N SER A 10 6.08 1.97 3.56
CA SER A 10 5.88 2.44 4.93
C SER A 10 4.76 3.48 4.98
N SER A 11 4.49 4.11 3.85
CA SER A 11 3.44 5.13 3.78
C SER A 11 2.53 4.87 2.58
N THR A 12 1.35 5.48 2.60
CA THR A 12 0.39 5.33 1.52
C THR A 12 0.85 6.05 0.26
N SER A 13 1.69 7.07 0.43
CA SER A 13 2.21 7.84 -0.69
C SER A 13 2.95 6.93 -1.67
N ASP A 14 3.42 5.79 -1.18
CA ASP A 14 4.15 4.84 -2.01
C ASP A 14 3.20 4.14 -2.99
N CYS A 15 2.01 3.81 -2.51
CA CYS A 15 1.01 3.14 -3.34
C CYS A 15 0.49 4.07 -4.43
N CYS A 16 0.75 3.69 -5.68
CA CYS A 16 0.32 4.49 -6.82
C CYS A 16 -0.63 3.69 -7.72
N LYS A 17 -0.72 2.39 -7.45
CA LYS A 17 -1.58 1.51 -8.23
C LYS A 17 -2.95 1.36 -7.56
N HIS A 18 -3.45 2.45 -6.99
CA HIS A 18 -4.75 2.44 -6.33
C HIS A 18 -4.72 1.53 -5.11
N LEU A 19 -3.55 1.40 -4.50
CA LEU A 19 -3.39 0.55 -3.32
C LEU A 19 -3.27 1.39 -2.06
N SER A 20 -3.44 0.75 -0.91
CA SER A 20 -3.36 1.44 0.37
C SER A 20 -2.29 0.81 1.26
N CYS A 21 -1.28 1.60 1.61
CA CYS A 21 -0.20 1.11 2.45
C CYS A 21 -0.61 1.11 3.92
N ARG A 22 -0.75 -0.09 4.49
CA ARG A 22 -1.15 -0.23 5.89
C ARG A 22 0.07 -0.17 6.80
N SER A 23 -0.07 0.56 7.91
CA SER A 23 1.03 0.70 8.87
C SER A 23 1.18 -0.56 9.71
N ASP A 24 0.26 -1.49 9.53
CA ASP A 24 0.28 -2.75 10.28
C ASP A 24 1.34 -3.70 9.71
N TRP A 25 1.20 -4.03 8.43
CA TRP A 25 2.15 -4.93 7.78
C TRP A 25 3.14 -4.15 6.93
N LYS A 26 2.85 -2.87 6.72
CA LYS A 26 3.73 -2.01 5.92
C LYS A 26 3.80 -2.49 4.48
N TYR A 27 2.64 -2.69 3.87
CA TYR A 27 2.57 -3.16 2.49
C TYR A 27 1.29 -2.69 1.82
N CYS A 28 1.39 -2.33 0.54
CA CYS A 28 0.23 -1.86 -0.21
C CYS A 28 -0.92 -2.86 -0.11
N ALA A 29 -2.15 -2.35 -0.24
CA ALA A 29 -3.33 -3.19 -0.17
C ALA A 29 -4.32 -2.86 -1.28
N TRP A 30 -4.95 -3.88 -1.84
CA TRP A 30 -5.92 -3.68 -2.92
C TRP A 30 -7.23 -3.13 -2.37
N ASP A 31 -8.09 -2.64 -3.27
CA ASP A 31 -9.38 -2.09 -2.87
C ASP A 31 -9.21 -1.00 -1.82
N GLY A 32 -8.12 -0.25 -1.94
CA GLY A 32 -7.85 0.82 -0.98
C GLY A 32 -7.72 0.31 0.43
N THR A 33 -8.10 1.14 1.40
CA THR A 33 -8.02 0.77 2.81
C THR A 33 -9.21 -0.08 3.22
N PHE A 34 -8.99 -0.97 4.19
CA PHE A 34 -10.05 -1.85 4.68
C PHE A 34 -10.48 -1.46 6.08
N SER A 35 -11.76 -1.13 6.23
CA SER A 35 -12.31 -0.74 7.52
C SER A 35 -13.61 -1.48 7.82
N GLU A 1 9.40 6.11 -5.10
CA GLU A 1 9.05 5.07 -6.06
C GLU A 1 7.70 4.44 -5.70
N CYS A 2 7.15 3.66 -6.64
CA CYS A 2 5.87 3.01 -6.43
C CYS A 2 6.00 1.50 -6.59
N ARG A 3 5.21 0.77 -5.81
CA ARG A 3 5.23 -0.69 -5.86
C ARG A 3 3.82 -1.26 -5.83
N TYR A 4 3.71 -2.58 -6.01
CA TYR A 4 2.41 -3.24 -6.00
C TYR A 4 2.06 -3.72 -4.60
N LEU A 5 0.94 -4.43 -4.50
CA LEU A 5 0.48 -4.95 -3.22
C LEU A 5 1.60 -5.72 -2.52
N PHE A 6 2.24 -6.63 -3.25
CA PHE A 6 3.32 -7.43 -2.70
C PHE A 6 4.61 -6.61 -2.62
N GLY A 7 4.60 -5.44 -3.24
CA GLY A 7 5.78 -4.59 -3.23
C GLY A 7 6.31 -4.35 -1.83
N GLY A 8 5.55 -3.59 -1.03
CA GLY A 8 5.96 -3.30 0.32
C GLY A 8 6.41 -1.87 0.49
N CYS A 9 5.86 -1.18 1.49
CA CYS A 9 6.21 0.21 1.76
C CYS A 9 5.96 0.56 3.22
N SER A 10 6.24 1.81 3.58
CA SER A 10 6.04 2.28 4.94
C SER A 10 4.92 3.30 5.01
N SER A 11 4.66 3.97 3.89
CA SER A 11 3.62 4.99 3.82
C SER A 11 2.72 4.75 2.63
N THR A 12 1.54 5.37 2.64
CA THR A 12 0.58 5.23 1.56
C THR A 12 1.06 5.95 0.31
N SER A 13 1.91 6.96 0.50
CA SER A 13 2.45 7.73 -0.62
C SER A 13 3.18 6.83 -1.60
N ASP A 14 3.63 5.67 -1.11
CA ASP A 14 4.35 4.72 -1.96
C ASP A 14 3.40 4.04 -2.94
N CYS A 15 2.21 3.70 -2.47
CA CYS A 15 1.21 3.05 -3.30
C CYS A 15 0.72 3.99 -4.40
N CYS A 16 1.02 3.65 -5.65
CA CYS A 16 0.61 4.46 -6.78
C CYS A 16 -0.29 3.67 -7.72
N LYS A 17 -0.39 2.37 -7.48
CA LYS A 17 -1.22 1.48 -8.30
C LYS A 17 -2.60 1.31 -7.68
N HIS A 18 -3.13 2.38 -7.11
CA HIS A 18 -4.45 2.34 -6.48
C HIS A 18 -4.45 1.39 -5.28
N LEU A 19 -3.38 1.44 -4.50
CA LEU A 19 -3.26 0.57 -3.32
C LEU A 19 -3.12 1.40 -2.05
N SER A 20 -3.31 0.75 -0.90
CA SER A 20 -3.20 1.43 0.38
C SER A 20 -2.14 0.77 1.26
N CYS A 21 -1.12 1.53 1.62
CA CYS A 21 -0.03 1.02 2.45
C CYS A 21 -0.46 0.97 3.92
N ARG A 22 -0.59 -0.23 4.45
CA ARG A 22 -0.98 -0.40 5.85
C ARG A 22 0.24 -0.34 6.78
N SER A 23 0.09 0.39 7.88
CA SER A 23 1.17 0.54 8.84
C SER A 23 1.33 -0.71 9.69
N ASP A 24 0.41 -1.67 9.50
CA ASP A 24 0.44 -2.92 10.25
C ASP A 24 1.52 -3.86 9.69
N TRP A 25 1.39 -4.19 8.41
CA TRP A 25 2.35 -5.08 7.76
C TRP A 25 3.33 -4.29 6.91
N LYS A 26 3.04 -3.01 6.71
CA LYS A 26 3.90 -2.14 5.92
C LYS A 26 3.94 -2.60 4.46
N TYR A 27 2.77 -2.74 3.86
CA TYR A 27 2.67 -3.18 2.48
C TYR A 27 1.40 -2.63 1.82
N CYS A 28 1.44 -2.48 0.50
CA CYS A 28 0.30 -1.96 -0.24
C CYS A 28 -0.88 -2.93 -0.16
N ALA A 29 -2.09 -2.40 -0.29
CA ALA A 29 -3.30 -3.21 -0.23
C ALA A 29 -4.27 -2.83 -1.34
N TRP A 30 -4.92 -3.82 -1.92
CA TRP A 30 -5.89 -3.58 -3.00
C TRP A 30 -7.17 -2.97 -2.45
N ASP A 31 -8.01 -2.45 -3.33
CA ASP A 31 -9.27 -1.84 -2.94
C ASP A 31 -9.05 -0.79 -1.87
N GLY A 32 -7.90 -0.12 -1.93
CA GLY A 32 -7.59 0.91 -0.95
C GLY A 32 -7.64 0.39 0.47
N THR A 33 -8.24 1.19 1.36
CA THR A 33 -8.36 0.80 2.76
C THR A 33 -9.55 -0.12 2.98
N PHE A 34 -9.58 -0.77 4.14
CA PHE A 34 -10.67 -1.68 4.47
C PHE A 34 -11.40 -1.22 5.73
N SER A 35 -12.69 -1.52 5.80
CA SER A 35 -13.51 -1.13 6.94
C SER A 35 -14.22 -2.35 7.54
N GLU A 1 9.49 5.53 -5.14
CA GLU A 1 8.84 4.93 -6.29
C GLU A 1 7.56 4.22 -5.86
N CYS A 2 6.74 3.84 -6.85
CA CYS A 2 5.49 3.15 -6.57
C CYS A 2 5.65 1.64 -6.72
N ARG A 3 4.89 0.89 -5.92
CA ARG A 3 4.95 -0.56 -5.96
C ARG A 3 3.55 -1.17 -5.91
N TYR A 4 3.48 -2.48 -6.07
CA TYR A 4 2.20 -3.18 -6.05
C TYR A 4 1.87 -3.66 -4.64
N LEU A 5 0.78 -4.40 -4.51
CA LEU A 5 0.35 -4.93 -3.22
C LEU A 5 1.49 -5.66 -2.53
N PHE A 6 2.15 -6.55 -3.27
CA PHE A 6 3.27 -7.33 -2.72
C PHE A 6 4.54 -6.48 -2.67
N GLY A 7 4.48 -5.30 -3.31
CA GLY A 7 5.64 -4.42 -3.32
C GLY A 7 6.17 -4.15 -1.93
N GLY A 8 5.41 -3.41 -1.14
CA GLY A 8 5.84 -3.09 0.21
C GLY A 8 6.25 -1.63 0.36
N CYS A 9 5.73 -0.97 1.38
CA CYS A 9 6.05 0.44 1.63
C CYS A 9 5.82 0.79 3.09
N SER A 10 6.07 2.05 3.43
CA SER A 10 5.90 2.53 4.80
C SER A 10 4.74 3.51 4.89
N SER A 11 4.43 4.15 3.76
CA SER A 11 3.34 5.12 3.71
C SER A 11 2.42 4.86 2.52
N THR A 12 1.24 5.44 2.54
CA THR A 12 0.27 5.27 1.47
C THR A 12 0.72 5.99 0.21
N SER A 13 1.55 7.02 0.39
CA SER A 13 2.03 7.80 -0.75
C SER A 13 2.77 6.91 -1.74
N ASP A 14 3.26 5.78 -1.25
CA ASP A 14 3.99 4.84 -2.10
C ASP A 14 3.04 4.13 -3.06
N CYS A 15 1.87 3.77 -2.57
CA CYS A 15 0.87 3.08 -3.38
C CYS A 15 0.33 4.00 -4.47
N CYS A 16 0.61 3.65 -5.72
CA CYS A 16 0.16 4.43 -6.86
C CYS A 16 -0.76 3.61 -7.76
N LYS A 17 -0.82 2.31 -7.51
CA LYS A 17 -1.66 1.41 -8.29
C LYS A 17 -3.02 1.22 -7.62
N HIS A 18 -3.55 2.29 -7.04
CA HIS A 18 -4.84 2.24 -6.38
C HIS A 18 -4.80 1.29 -5.18
N LEU A 19 -3.70 1.34 -4.43
CA LEU A 19 -3.53 0.48 -3.26
C LEU A 19 -3.39 1.32 -1.99
N SER A 20 -3.54 0.67 -0.85
CA SER A 20 -3.43 1.35 0.45
C SER A 20 -2.33 0.72 1.29
N CYS A 21 -1.31 1.51 1.61
CA CYS A 21 -0.20 1.03 2.42
C CYS A 21 -0.58 0.99 3.90
N ARG A 22 -0.73 -0.23 4.42
CA ARG A 22 -1.11 -0.42 5.82
C ARG A 22 0.11 -0.25 6.72
N SER A 23 -0.07 0.49 7.81
CA SER A 23 1.01 0.73 8.76
C SER A 23 1.25 -0.50 9.64
N ASP A 24 0.39 -1.50 9.48
CA ASP A 24 0.51 -2.73 10.26
C ASP A 24 1.59 -3.64 9.68
N TRP A 25 1.43 -4.02 8.42
CA TRP A 25 2.39 -4.90 7.75
C TRP A 25 3.33 -4.08 6.88
N LYS A 26 3.01 -2.81 6.68
CA LYS A 26 3.84 -1.93 5.87
C LYS A 26 3.87 -2.40 4.42
N TYR A 27 2.70 -2.58 3.83
CA TYR A 27 2.60 -3.02 2.45
C TYR A 27 1.30 -2.52 1.81
N CYS A 28 1.32 -2.41 0.48
CA CYS A 28 0.15 -1.93 -0.26
C CYS A 28 -1.00 -2.93 -0.15
N ALA A 29 -2.22 -2.44 -0.23
CA ALA A 29 -3.40 -3.29 -0.16
C ALA A 29 -4.41 -2.93 -1.25
N TRP A 30 -5.04 -3.95 -1.81
CA TRP A 30 -6.03 -3.75 -2.87
C TRP A 30 -7.32 -3.17 -2.30
N ASP A 31 -8.18 -2.68 -3.18
CA ASP A 31 -9.45 -2.09 -2.77
C ASP A 31 -9.24 -1.03 -1.70
N GLY A 32 -8.09 -0.36 -1.76
CA GLY A 32 -7.79 0.68 -0.79
C GLY A 32 -7.70 0.13 0.63
N THR A 33 -7.93 1.00 1.61
CA THR A 33 -7.87 0.60 3.00
C THR A 33 -9.00 -0.35 3.36
N PHE A 34 -8.73 -1.29 4.26
CA PHE A 34 -9.74 -2.26 4.68
C PHE A 34 -10.47 -1.76 5.92
N SER A 35 -11.55 -1.02 5.70
CA SER A 35 -12.35 -0.49 6.80
C SER A 35 -13.29 -1.55 7.35
N GLU A 1 8.96 6.67 -5.73
CA GLU A 1 8.85 5.32 -6.25
C GLU A 1 7.51 4.70 -5.90
N CYS A 2 7.05 3.75 -6.72
CA CYS A 2 5.77 3.08 -6.49
C CYS A 2 5.92 1.58 -6.62
N ARG A 3 5.15 0.83 -5.84
CA ARG A 3 5.19 -0.62 -5.87
C ARG A 3 3.79 -1.21 -5.84
N TYR A 4 3.69 -2.53 -6.01
CA TYR A 4 2.41 -3.21 -6.01
C TYR A 4 2.05 -3.68 -4.60
N LEU A 5 0.94 -4.40 -4.49
CA LEU A 5 0.48 -4.92 -3.20
C LEU A 5 1.60 -5.66 -2.49
N PHE A 6 2.26 -6.56 -3.21
CA PHE A 6 3.36 -7.35 -2.64
C PHE A 6 4.63 -6.51 -2.56
N GLY A 7 4.62 -5.35 -3.20
CA GLY A 7 5.78 -4.48 -3.19
C GLY A 7 6.29 -4.20 -1.79
N GLY A 8 5.51 -3.45 -1.02
CA GLY A 8 5.92 -3.12 0.34
C GLY A 8 6.35 -1.68 0.49
N CYS A 9 5.81 -1.00 1.50
CA CYS A 9 6.15 0.39 1.76
C CYS A 9 5.89 0.75 3.22
N SER A 10 6.15 2.01 3.56
CA SER A 10 5.95 2.49 4.92
C SER A 10 4.81 3.50 4.98
N SER A 11 4.53 4.14 3.85
CA SER A 11 3.47 5.13 3.78
C SER A 11 2.57 4.88 2.57
N THR A 12 1.40 5.48 2.57
CA THR A 12 0.44 5.32 1.49
C THR A 12 0.92 6.04 0.23
N SER A 13 1.75 7.05 0.42
CA SER A 13 2.28 7.82 -0.71
C SER A 13 3.04 6.92 -1.68
N ASP A 14 3.50 5.78 -1.18
CA ASP A 14 4.24 4.83 -2.00
C ASP A 14 3.30 4.13 -2.98
N CYS A 15 2.11 3.78 -2.52
CA CYS A 15 1.13 3.10 -3.34
C CYS A 15 0.61 4.03 -4.45
N CYS A 16 0.91 3.67 -5.70
CA CYS A 16 0.49 4.47 -6.84
C CYS A 16 -0.41 3.66 -7.76
N LYS A 17 -0.49 2.35 -7.51
CA LYS A 17 -1.32 1.46 -8.31
C LYS A 17 -2.70 1.28 -7.68
N HIS A 18 -3.23 2.36 -7.12
CA HIS A 18 -4.54 2.32 -6.49
C HIS A 18 -4.55 1.38 -5.28
N LEU A 19 -3.45 1.40 -4.53
CA LEU A 19 -3.32 0.55 -3.35
C LEU A 19 -3.19 1.39 -2.09
N SER A 20 -3.38 0.75 -0.93
CA SER A 20 -3.29 1.43 0.35
C SER A 20 -2.21 0.79 1.23
N CYS A 21 -1.20 1.57 1.57
CA CYS A 21 -0.11 1.08 2.42
C CYS A 21 -0.54 1.04 3.88
N ARG A 22 -0.70 -0.17 4.41
CA ARG A 22 -1.10 -0.35 5.80
C ARG A 22 0.10 -0.20 6.73
N SER A 23 -0.10 0.54 7.82
CA SER A 23 0.96 0.77 8.79
C SER A 23 1.16 -0.46 9.67
N ASP A 24 0.29 -1.46 9.50
CA ASP A 24 0.37 -2.68 10.27
C ASP A 24 1.45 -3.61 9.72
N TRP A 25 1.31 -3.99 8.46
CA TRP A 25 2.28 -4.88 7.81
C TRP A 25 3.25 -4.08 6.96
N LYS A 26 2.96 -2.81 6.75
CA LYS A 26 3.81 -1.93 5.96
C LYS A 26 3.88 -2.41 4.51
N TYR A 27 2.70 -2.57 3.89
CA TYR A 27 2.63 -3.03 2.51
C TYR A 27 1.36 -2.51 1.84
N CYS A 28 1.40 -2.39 0.52
CA CYS A 28 0.26 -1.91 -0.25
C CYS A 28 -0.90 -2.90 -0.17
N ALA A 29 -2.12 -2.37 -0.28
CA ALA A 29 -3.31 -3.21 -0.22
C ALA A 29 -4.29 -2.84 -1.34
N TRP A 30 -4.94 -3.86 -1.91
CA TRP A 30 -5.89 -3.64 -2.98
C TRP A 30 -7.20 -3.07 -2.44
N ASP A 31 -8.04 -2.57 -3.34
CA ASP A 31 -9.32 -1.99 -2.95
C ASP A 31 -9.13 -0.91 -1.90
N GLY A 32 -8.00 -0.22 -1.97
CA GLY A 32 -7.71 0.84 -1.02
C GLY A 32 -7.64 0.33 0.41
N THR A 33 -7.86 1.24 1.36
CA THR A 33 -7.82 0.88 2.77
C THR A 33 -9.02 0.01 3.16
N PHE A 34 -8.86 -0.77 4.22
CA PHE A 34 -9.92 -1.65 4.68
C PHE A 34 -10.49 -1.17 6.02
N SER A 35 -11.81 -1.23 6.15
CA SER A 35 -12.47 -0.79 7.37
C SER A 35 -12.20 -1.77 8.52
N GLU A 1 8.73 6.33 -5.95
CA GLU A 1 8.94 4.89 -5.90
C GLU A 1 7.65 4.16 -5.56
N CYS A 2 6.83 3.93 -6.58
CA CYS A 2 5.55 3.24 -6.39
C CYS A 2 5.73 1.74 -6.58
N ARG A 3 4.97 0.97 -5.80
CA ARG A 3 5.04 -0.49 -5.87
C ARG A 3 3.65 -1.10 -5.82
N TYR A 4 3.56 -2.41 -6.03
CA TYR A 4 2.29 -3.11 -6.00
C TYR A 4 1.96 -3.62 -4.60
N LEU A 5 0.87 -4.36 -4.49
CA LEU A 5 0.45 -4.91 -3.21
C LEU A 5 1.59 -5.66 -2.53
N PHE A 6 2.24 -6.53 -3.29
CA PHE A 6 3.36 -7.31 -2.77
C PHE A 6 4.63 -6.47 -2.71
N GLY A 7 4.57 -5.28 -3.30
CA GLY A 7 5.73 -4.41 -3.29
C GLY A 7 6.27 -4.15 -1.90
N GLY A 8 5.50 -3.41 -1.10
CA GLY A 8 5.93 -3.12 0.27
C GLY A 8 6.33 -1.67 0.44
N CYS A 9 5.79 -1.03 1.47
CA CYS A 9 6.09 0.38 1.75
C CYS A 9 5.85 0.70 3.22
N SER A 10 6.09 1.96 3.58
CA SER A 10 5.90 2.40 4.96
C SER A 10 4.74 3.39 5.06
N SER A 11 4.45 4.06 3.95
CA SER A 11 3.38 5.04 3.91
C SER A 11 2.46 4.79 2.72
N THR A 12 1.26 5.37 2.77
CA THR A 12 0.29 5.21 1.70
C THR A 12 0.72 5.96 0.45
N SER A 13 1.54 6.99 0.64
CA SER A 13 2.03 7.79 -0.48
C SER A 13 2.79 6.92 -1.49
N ASP A 14 3.29 5.78 -1.01
CA ASP A 14 4.03 4.86 -1.86
C ASP A 14 3.10 4.15 -2.85
N CYS A 15 1.92 3.78 -2.37
CA CYS A 15 0.95 3.09 -3.22
C CYS A 15 0.40 4.04 -4.29
N CYS A 16 0.73 3.74 -5.54
CA CYS A 16 0.27 4.56 -6.66
C CYS A 16 -0.60 3.74 -7.61
N LYS A 17 -0.63 2.43 -7.39
CA LYS A 17 -1.43 1.53 -8.23
C LYS A 17 -2.80 1.29 -7.61
N HIS A 18 -3.38 2.34 -7.03
CA HIS A 18 -4.68 2.24 -6.39
C HIS A 18 -4.66 1.27 -5.22
N LEU A 19 -3.62 1.36 -4.40
CA LEU A 19 -3.47 0.49 -3.24
C LEU A 19 -3.32 1.31 -1.97
N SER A 20 -3.46 0.64 -0.83
CA SER A 20 -3.34 1.30 0.47
C SER A 20 -2.25 0.66 1.32
N CYS A 21 -1.27 1.46 1.73
CA CYS A 21 -0.17 0.97 2.54
C CYS A 21 -0.58 0.89 4.01
N ARG A 22 -0.52 -0.33 4.56
CA ARG A 22 -0.89 -0.54 5.96
C ARG A 22 0.33 -0.37 6.87
N SER A 23 0.15 0.36 7.97
CA SER A 23 1.23 0.60 8.92
C SER A 23 1.48 -0.64 9.77
N ASP A 24 0.64 -1.66 9.60
CA ASP A 24 0.77 -2.90 10.36
C ASP A 24 1.78 -3.83 9.70
N TRP A 25 1.51 -4.21 8.45
CA TRP A 25 2.38 -5.10 7.70
C TRP A 25 3.38 -4.30 6.86
N LYS A 26 3.13 -3.01 6.71
CA LYS A 26 4.00 -2.14 5.94
C LYS A 26 4.01 -2.55 4.47
N TYR A 27 2.83 -2.72 3.90
CA TYR A 27 2.70 -3.12 2.50
C TYR A 27 1.41 -2.60 1.89
N CYS A 28 1.39 -2.44 0.57
CA CYS A 28 0.21 -1.95 -0.13
C CYS A 28 -0.94 -2.95 0.00
N ALA A 29 -2.15 -2.49 -0.33
CA ALA A 29 -3.33 -3.34 -0.26
C ALA A 29 -4.35 -2.96 -1.34
N TRP A 30 -4.98 -3.96 -1.93
CA TRP A 30 -5.97 -3.73 -2.97
C TRP A 30 -7.27 -3.18 -2.38
N ASP A 31 -8.13 -2.67 -3.23
CA ASP A 31 -9.41 -2.11 -2.80
C ASP A 31 -9.19 -1.06 -1.72
N GLY A 32 -8.06 -0.36 -1.79
CA GLY A 32 -7.75 0.66 -0.81
C GLY A 32 -7.84 0.15 0.62
N THR A 33 -8.09 1.05 1.56
CA THR A 33 -8.19 0.68 2.96
C THR A 33 -9.36 -0.27 3.21
N PHE A 34 -9.29 -1.01 4.31
CA PHE A 34 -10.34 -1.96 4.65
C PHE A 34 -10.97 -1.61 6.00
N SER A 35 -11.98 -0.76 5.97
CA SER A 35 -12.67 -0.34 7.18
C SER A 35 -13.93 -1.17 7.41
N GLU A 1 8.61 6.32 -6.74
CA GLU A 1 8.85 4.95 -6.31
C GLU A 1 7.54 4.27 -5.89
N CYS A 2 6.82 3.75 -6.88
CA CYS A 2 5.55 3.08 -6.61
C CYS A 2 5.69 1.57 -6.78
N ARG A 3 5.00 0.82 -5.93
CA ARG A 3 5.05 -0.63 -5.97
C ARG A 3 3.64 -1.22 -5.90
N TYR A 4 3.55 -2.54 -6.08
CA TYR A 4 2.26 -3.22 -6.04
C TYR A 4 1.93 -3.68 -4.61
N LEU A 5 0.82 -4.39 -4.47
CA LEU A 5 0.39 -4.88 -3.17
C LEU A 5 1.52 -5.62 -2.46
N PHE A 6 2.16 -6.54 -3.18
CA PHE A 6 3.25 -7.32 -2.62
C PHE A 6 4.54 -6.51 -2.60
N GLY A 7 4.50 -5.32 -3.19
CA GLY A 7 5.65 -4.46 -3.23
C GLY A 7 6.22 -4.17 -1.85
N GLY A 8 5.48 -3.41 -1.06
CA GLY A 8 5.93 -3.07 0.29
C GLY A 8 6.34 -1.62 0.42
N CYS A 9 5.84 -0.96 1.44
CA CYS A 9 6.16 0.44 1.68
C CYS A 9 5.94 0.82 3.15
N SER A 10 6.21 2.08 3.48
CA SER A 10 6.05 2.55 4.84
C SER A 10 4.87 3.52 4.95
N SER A 11 4.53 4.14 3.83
CA SER A 11 3.42 5.10 3.79
C SER A 11 2.53 4.85 2.58
N THR A 12 1.33 5.42 2.60
CA THR A 12 0.38 5.27 1.51
C THR A 12 0.84 6.02 0.26
N SER A 13 1.66 7.05 0.47
CA SER A 13 2.17 7.85 -0.63
C SER A 13 2.93 6.97 -1.63
N ASP A 14 3.43 5.84 -1.15
CA ASP A 14 4.16 4.91 -2.00
C ASP A 14 3.24 4.20 -2.99
N CYS A 15 2.06 3.83 -2.50
CA CYS A 15 1.08 3.15 -3.33
C CYS A 15 0.53 4.08 -4.42
N CYS A 16 0.75 3.71 -5.68
CA CYS A 16 0.28 4.51 -6.80
C CYS A 16 -0.67 3.71 -7.68
N LYS A 17 -0.78 2.42 -7.40
CA LYS A 17 -1.66 1.54 -8.16
C LYS A 17 -3.01 1.40 -7.48
N HIS A 18 -3.50 2.50 -6.91
CA HIS A 18 -4.78 2.51 -6.22
C HIS A 18 -4.75 1.59 -5.00
N LEU A 19 -3.57 1.40 -4.45
CA LEU A 19 -3.40 0.54 -3.28
C LEU A 19 -3.24 1.38 -2.01
N SER A 20 -3.43 0.73 -0.85
CA SER A 20 -3.30 1.42 0.43
C SER A 20 -2.22 0.76 1.29
N CYS A 21 -1.18 1.53 1.61
CA CYS A 21 -0.08 1.02 2.43
C CYS A 21 -0.50 0.91 3.88
N ARG A 22 -0.68 -0.32 4.35
CA ARG A 22 -1.08 -0.56 5.73
C ARG A 22 0.09 -0.36 6.68
N SER A 23 -0.14 0.37 7.76
CA SER A 23 0.90 0.64 8.75
C SER A 23 1.14 -0.58 9.63
N ASP A 24 0.32 -1.61 9.45
CA ASP A 24 0.45 -2.84 10.23
C ASP A 24 1.53 -3.74 9.66
N TRP A 25 1.37 -4.13 8.39
CA TRP A 25 2.33 -4.99 7.73
C TRP A 25 3.32 -4.17 6.90
N LYS A 26 3.01 -2.89 6.73
CA LYS A 26 3.87 -1.99 5.96
C LYS A 26 3.94 -2.42 4.50
N TYR A 27 2.78 -2.63 3.90
CA TYR A 27 2.71 -3.05 2.50
C TYR A 27 1.40 -2.59 1.85
N CYS A 28 1.46 -2.31 0.56
CA CYS A 28 0.28 -1.85 -0.17
C CYS A 28 -0.87 -2.85 -0.03
N ALA A 29 -2.08 -2.37 -0.25
CA ALA A 29 -3.27 -3.22 -0.14
C ALA A 29 -4.28 -2.87 -1.23
N TRP A 30 -4.96 -3.89 -1.75
CA TRP A 30 -5.96 -3.70 -2.79
C TRP A 30 -7.24 -3.13 -2.21
N ASP A 31 -8.12 -2.65 -3.08
CA ASP A 31 -9.39 -2.08 -2.65
C ASP A 31 -9.18 -0.99 -1.60
N GLY A 32 -8.05 -0.30 -1.70
CA GLY A 32 -7.74 0.75 -0.75
C GLY A 32 -7.74 0.25 0.68
N THR A 33 -8.02 1.16 1.62
CA THR A 33 -8.04 0.80 3.04
C THR A 33 -9.23 -0.09 3.36
N PHE A 34 -9.11 -0.86 4.43
CA PHE A 34 -10.18 -1.76 4.86
C PHE A 34 -10.77 -1.32 6.19
N SER A 35 -11.98 -0.75 6.14
CA SER A 35 -12.65 -0.29 7.34
C SER A 35 -13.96 -1.03 7.55
N GLU A 1 8.67 6.03 -7.41
CA GLU A 1 8.87 5.12 -6.29
C GLU A 1 7.56 4.46 -5.87
N CYS A 2 6.92 3.79 -6.82
CA CYS A 2 5.65 3.11 -6.55
C CYS A 2 5.80 1.60 -6.70
N ARG A 3 5.11 0.85 -5.84
CA ARG A 3 5.17 -0.60 -5.87
C ARG A 3 3.76 -1.20 -5.84
N TYR A 4 3.68 -2.52 -6.01
CA TYR A 4 2.40 -3.20 -6.00
C TYR A 4 2.04 -3.67 -4.60
N LEU A 5 0.93 -4.39 -4.48
CA LEU A 5 0.47 -4.90 -3.19
C LEU A 5 1.59 -5.63 -2.47
N PHE A 6 2.24 -6.54 -3.17
CA PHE A 6 3.34 -7.32 -2.60
C PHE A 6 4.61 -6.49 -2.53
N GLY A 7 4.58 -5.30 -3.11
CA GLY A 7 5.74 -4.42 -3.10
C GLY A 7 6.29 -4.21 -1.70
N GLY A 8 5.54 -3.50 -0.87
CA GLY A 8 5.98 -3.23 0.48
C GLY A 8 6.47 -1.81 0.67
N CYS A 9 5.74 -1.04 1.47
CA CYS A 9 6.10 0.35 1.72
C CYS A 9 5.84 0.72 3.19
N SER A 10 6.13 1.97 3.54
CA SER A 10 5.93 2.44 4.90
C SER A 10 4.81 3.47 4.96
N SER A 11 4.54 4.11 3.82
CA SER A 11 3.50 5.13 3.74
C SER A 11 2.59 4.87 2.55
N THR A 12 1.40 5.49 2.57
CA THR A 12 0.44 5.32 1.50
C THR A 12 0.89 6.04 0.23
N SER A 13 1.73 7.06 0.41
CA SER A 13 2.24 7.84 -0.72
C SER A 13 2.99 6.93 -1.70
N ASP A 14 3.45 5.79 -1.21
CA ASP A 14 4.18 4.84 -2.04
C ASP A 14 3.25 4.13 -3.01
N CYS A 15 2.04 3.81 -2.54
CA CYS A 15 1.05 3.13 -3.36
C CYS A 15 0.54 4.06 -4.46
N CYS A 16 0.79 3.69 -5.71
CA CYS A 16 0.35 4.48 -6.84
C CYS A 16 -0.59 3.67 -7.74
N LYS A 17 -0.68 2.38 -7.47
CA LYS A 17 -1.55 1.49 -8.25
C LYS A 17 -2.91 1.34 -7.59
N HIS A 18 -3.41 2.44 -7.03
CA HIS A 18 -4.71 2.43 -6.36
C HIS A 18 -4.68 1.51 -5.14
N LEU A 19 -3.51 1.38 -4.53
CA LEU A 19 -3.35 0.53 -3.35
C LEU A 19 -3.23 1.38 -2.09
N SER A 20 -3.40 0.75 -0.93
CA SER A 20 -3.31 1.45 0.35
C SER A 20 -2.25 0.81 1.23
N CYS A 21 -1.23 1.59 1.59
CA CYS A 21 -0.15 1.11 2.43
C CYS A 21 -0.57 1.10 3.90
N ARG A 22 -0.74 -0.08 4.46
CA ARG A 22 -1.13 -0.23 5.85
C ARG A 22 0.08 -0.18 6.77
N SER A 23 -0.06 0.55 7.88
CA SER A 23 1.03 0.69 8.84
C SER A 23 1.17 -0.57 9.68
N ASP A 24 0.25 -1.52 9.50
CA ASP A 24 0.27 -2.77 10.24
C ASP A 24 1.33 -3.71 9.68
N TRP A 25 1.21 -4.05 8.40
CA TRP A 25 2.16 -4.94 7.75
C TRP A 25 3.15 -4.15 6.90
N LYS A 26 2.86 -2.87 6.69
CA LYS A 26 3.73 -2.01 5.90
C LYS A 26 3.82 -2.49 4.46
N TYR A 27 2.65 -2.70 3.84
CA TYR A 27 2.60 -3.16 2.46
C TYR A 27 1.31 -2.69 1.79
N CYS A 28 1.42 -2.34 0.51
CA CYS A 28 0.26 -1.87 -0.25
C CYS A 28 -0.89 -2.88 -0.16
N ALA A 29 -2.11 -2.36 -0.25
CA ALA A 29 -3.31 -3.20 -0.18
C ALA A 29 -4.29 -2.85 -1.29
N TRP A 30 -4.93 -3.87 -1.85
CA TRP A 30 -5.90 -3.67 -2.93
C TRP A 30 -7.22 -3.13 -2.38
N ASP A 31 -8.07 -2.64 -3.27
CA ASP A 31 -9.36 -2.10 -2.87
C ASP A 31 -9.18 -1.01 -1.81
N GLY A 32 -8.05 -0.32 -1.87
CA GLY A 32 -7.79 0.74 -0.91
C GLY A 32 -7.82 0.25 0.52
N THR A 33 -7.90 1.19 1.47
CA THR A 33 -7.94 0.85 2.88
C THR A 33 -9.19 0.05 3.21
N PHE A 34 -9.14 -0.69 4.32
CA PHE A 34 -10.27 -1.50 4.75
C PHE A 34 -10.83 -0.99 6.07
N SER A 35 -12.15 -1.11 6.23
CA SER A 35 -12.81 -0.65 7.45
C SER A 35 -13.08 -1.82 8.39
N GLU A 1 9.64 5.86 -5.83
CA GLU A 1 9.31 4.72 -6.68
C GLU A 1 8.07 4.00 -6.14
N CYS A 2 7.09 3.80 -7.02
CA CYS A 2 5.85 3.13 -6.64
C CYS A 2 6.01 1.61 -6.75
N ARG A 3 5.27 0.88 -5.91
CA ARG A 3 5.32 -0.57 -5.91
C ARG A 3 3.92 -1.17 -5.90
N TYR A 4 3.84 -2.48 -6.04
CA TYR A 4 2.56 -3.18 -6.05
C TYR A 4 2.16 -3.59 -4.63
N LEU A 5 1.05 -4.30 -4.53
CA LEU A 5 0.55 -4.76 -3.23
C LEU A 5 1.64 -5.49 -2.45
N PHE A 6 2.32 -6.42 -3.11
CA PHE A 6 3.39 -7.18 -2.48
C PHE A 6 4.67 -6.37 -2.42
N GLY A 7 4.64 -5.19 -3.02
CA GLY A 7 5.81 -4.33 -3.03
C GLY A 7 6.33 -4.04 -1.63
N GLY A 8 5.57 -3.28 -0.85
CA GLY A 8 5.98 -2.95 0.49
C GLY A 8 6.41 -1.50 0.63
N CYS A 9 5.87 -0.81 1.63
CA CYS A 9 6.20 0.58 1.87
C CYS A 9 5.92 0.97 3.32
N SER A 10 6.19 2.23 3.65
CA SER A 10 5.97 2.73 5.00
C SER A 10 4.80 3.71 5.04
N SER A 11 4.52 4.32 3.90
CA SER A 11 3.43 5.28 3.80
C SER A 11 2.55 5.00 2.59
N THR A 12 1.37 5.58 2.57
CA THR A 12 0.43 5.39 1.47
C THR A 12 0.91 6.11 0.21
N SER A 13 1.74 7.13 0.40
CA SER A 13 2.27 7.90 -0.72
C SER A 13 3.03 7.00 -1.69
N ASP A 14 3.50 5.86 -1.19
CA ASP A 14 4.24 4.91 -2.01
C ASP A 14 3.31 4.19 -2.99
N CYS A 15 2.12 3.85 -2.50
CA CYS A 15 1.13 3.16 -3.33
C CYS A 15 0.63 4.07 -4.45
N CYS A 16 0.89 3.67 -5.69
CA CYS A 16 0.45 4.45 -6.84
C CYS A 16 -0.49 3.64 -7.72
N LYS A 17 -0.59 2.34 -7.44
CA LYS A 17 -1.46 1.45 -8.21
C LYS A 17 -2.83 1.32 -7.52
N HIS A 18 -3.32 2.42 -6.97
CA HIS A 18 -4.60 2.42 -6.29
C HIS A 18 -4.58 1.51 -5.05
N LEU A 19 -3.39 1.36 -4.47
CA LEU A 19 -3.23 0.52 -3.29
C LEU A 19 -3.14 1.37 -2.03
N SER A 20 -3.31 0.73 -0.87
CA SER A 20 -3.24 1.43 0.40
C SER A 20 -2.17 0.82 1.29
N CYS A 21 -1.16 1.63 1.63
CA CYS A 21 -0.07 1.17 2.49
C CYS A 21 -0.49 1.15 3.95
N ARG A 22 -0.84 -0.04 4.44
CA ARG A 22 -1.26 -0.19 5.83
C ARG A 22 -0.06 -0.20 6.76
N SER A 23 -0.20 0.46 7.91
CA SER A 23 0.88 0.54 8.89
C SER A 23 1.00 -0.78 9.65
N ASP A 24 -0.03 -1.61 9.56
CA ASP A 24 -0.04 -2.91 10.24
C ASP A 24 1.07 -3.80 9.71
N TRP A 25 1.02 -4.08 8.41
CA TRP A 25 2.02 -4.94 7.78
C TRP A 25 3.06 -4.10 7.03
N LYS A 26 2.78 -2.82 6.87
CA LYS A 26 3.68 -1.91 6.18
C LYS A 26 3.85 -2.30 4.72
N TYR A 27 2.72 -2.55 4.06
CA TYR A 27 2.74 -2.93 2.64
C TYR A 27 1.45 -2.51 1.95
N CYS A 28 1.56 -2.22 0.66
CA CYS A 28 0.40 -1.80 -0.14
C CYS A 28 -0.72 -2.83 -0.04
N ALA A 29 -1.96 -2.37 -0.23
CA ALA A 29 -3.12 -3.24 -0.16
C ALA A 29 -4.13 -2.89 -1.26
N TRP A 30 -4.76 -3.91 -1.81
CA TRP A 30 -5.75 -3.72 -2.87
C TRP A 30 -7.09 -3.28 -2.29
N ASP A 31 -7.98 -2.80 -3.16
CA ASP A 31 -9.29 -2.35 -2.73
C ASP A 31 -9.18 -1.23 -1.69
N GLY A 32 -8.11 -0.46 -1.79
CA GLY A 32 -7.91 0.63 -0.85
C GLY A 32 -7.89 0.17 0.59
N THR A 33 -7.93 1.11 1.53
CA THR A 33 -7.92 0.79 2.94
C THR A 33 -9.13 -0.04 3.33
N PHE A 34 -8.94 -0.95 4.27
CA PHE A 34 -10.03 -1.83 4.72
C PHE A 34 -10.52 -1.40 6.11
N SER A 35 -11.82 -1.15 6.21
CA SER A 35 -12.41 -0.74 7.48
C SER A 35 -12.98 -1.93 8.23
N GLU A 1 9.06 5.15 -7.46
CA GLU A 1 9.13 4.55 -6.13
C GLU A 1 7.80 3.93 -5.75
N CYS A 2 7.05 3.48 -6.76
CA CYS A 2 5.75 2.86 -6.54
C CYS A 2 5.84 1.34 -6.70
N ARG A 3 5.12 0.61 -5.85
CA ARG A 3 5.12 -0.84 -5.90
C ARG A 3 3.70 -1.38 -5.84
N TYR A 4 3.56 -2.70 -6.03
CA TYR A 4 2.26 -3.34 -6.00
C TYR A 4 1.88 -3.75 -4.58
N LEU A 5 0.74 -4.43 -4.44
CA LEU A 5 0.28 -4.88 -3.14
C LEU A 5 1.37 -5.66 -2.40
N PHE A 6 1.98 -6.61 -3.10
CA PHE A 6 3.03 -7.43 -2.52
C PHE A 6 4.35 -6.66 -2.48
N GLY A 7 4.35 -5.46 -3.07
CA GLY A 7 5.55 -4.65 -3.10
C GLY A 7 6.10 -4.38 -1.71
N GLY A 8 5.37 -3.57 -0.94
CA GLY A 8 5.82 -3.25 0.40
C GLY A 8 6.30 -1.81 0.52
N CYS A 9 5.81 -1.11 1.55
CA CYS A 9 6.19 0.28 1.77
C CYS A 9 5.99 0.66 3.24
N SER A 10 6.30 1.91 3.56
CA SER A 10 6.16 2.42 4.92
C SER A 10 5.02 3.42 5.01
N SER A 11 4.69 4.04 3.89
CA SER A 11 3.62 5.02 3.84
C SER A 11 2.72 4.79 2.63
N THR A 12 1.54 5.41 2.65
CA THR A 12 0.58 5.27 1.55
C THR A 12 1.07 6.00 0.30
N SER A 13 1.91 7.01 0.50
CA SER A 13 2.45 7.78 -0.61
C SER A 13 3.20 6.89 -1.59
N ASP A 14 3.66 5.74 -1.10
CA ASP A 14 4.39 4.79 -1.94
C ASP A 14 3.45 4.10 -2.92
N CYS A 15 2.25 3.77 -2.46
CA CYS A 15 1.27 3.11 -3.30
C CYS A 15 0.76 4.05 -4.39
N CYS A 16 0.99 3.66 -5.65
CA CYS A 16 0.55 4.47 -6.78
C CYS A 16 -0.41 3.69 -7.67
N LYS A 17 -0.55 2.40 -7.39
CA LYS A 17 -1.44 1.53 -8.15
C LYS A 17 -2.82 1.44 -7.49
N HIS A 18 -3.28 2.55 -6.94
CA HIS A 18 -4.58 2.59 -6.28
C HIS A 18 -4.59 1.68 -5.05
N LEU A 19 -3.41 1.49 -4.46
CA LEU A 19 -3.29 0.64 -3.27
C LEU A 19 -3.12 1.48 -2.02
N SER A 20 -3.34 0.86 -0.86
CA SER A 20 -3.19 1.55 0.42
C SER A 20 -2.16 0.86 1.30
N CYS A 21 -1.09 1.59 1.62
CA CYS A 21 -0.02 1.05 2.45
C CYS A 21 -0.46 0.97 3.91
N ARG A 22 -0.76 -0.24 4.37
CA ARG A 22 -1.19 -0.46 5.74
C ARG A 22 -0.03 -0.29 6.71
N SER A 23 -0.27 0.46 7.78
CA SER A 23 0.77 0.70 8.79
C SER A 23 0.94 -0.51 9.68
N ASP A 24 0.10 -1.52 9.49
CA ASP A 24 0.17 -2.74 10.28
C ASP A 24 1.24 -3.68 9.73
N TRP A 25 1.08 -4.07 8.47
CA TRP A 25 2.04 -4.97 7.83
C TRP A 25 3.07 -4.19 7.02
N LYS A 26 2.81 -2.90 6.84
CA LYS A 26 3.71 -2.03 6.09
C LYS A 26 3.80 -2.48 4.63
N TYR A 27 2.64 -2.67 4.00
CA TYR A 27 2.58 -3.09 2.60
C TYR A 27 1.31 -2.59 1.94
N CYS A 28 1.39 -2.33 0.64
CA CYS A 28 0.24 -1.84 -0.12
C CYS A 28 -0.93 -2.80 0.01
N ALA A 29 -2.14 -2.28 -0.21
CA ALA A 29 -3.35 -3.10 -0.12
C ALA A 29 -4.34 -2.71 -1.21
N TRP A 30 -5.04 -3.71 -1.75
CA TRP A 30 -6.02 -3.49 -2.80
C TRP A 30 -7.32 -2.93 -2.23
N ASP A 31 -8.18 -2.42 -3.09
CA ASP A 31 -9.46 -1.86 -2.67
C ASP A 31 -9.25 -0.80 -1.60
N GLY A 32 -8.11 -0.12 -1.65
CA GLY A 32 -7.80 0.91 -0.68
C GLY A 32 -7.76 0.38 0.74
N THR A 33 -8.10 1.23 1.70
CA THR A 33 -8.10 0.83 3.11
C THR A 33 -9.20 -0.17 3.41
N PHE A 34 -8.86 -1.23 4.13
CA PHE A 34 -9.82 -2.26 4.48
C PHE A 34 -10.53 -1.92 5.80
N SER A 35 -11.70 -2.51 5.99
CA SER A 35 -12.49 -2.27 7.21
C SER A 35 -12.96 -3.58 7.82
N GLU A 1 8.87 6.19 -7.28
CA GLU A 1 9.18 4.91 -6.67
C GLU A 1 7.92 4.23 -6.13
N CYS A 2 7.08 3.77 -7.05
CA CYS A 2 5.83 3.11 -6.67
C CYS A 2 5.98 1.58 -6.79
N ARG A 3 5.24 0.87 -5.94
CA ARG A 3 5.28 -0.59 -5.94
C ARG A 3 3.87 -1.17 -5.94
N TYR A 4 3.78 -2.49 -6.09
CA TYR A 4 2.49 -3.18 -6.10
C TYR A 4 2.08 -3.59 -4.70
N LEU A 5 0.96 -4.30 -4.60
CA LEU A 5 0.47 -4.77 -3.31
C LEU A 5 1.55 -5.51 -2.54
N PHE A 6 2.21 -6.44 -3.20
CA PHE A 6 3.28 -7.22 -2.57
C PHE A 6 4.57 -6.41 -2.50
N GLY A 7 4.55 -5.22 -3.10
CA GLY A 7 5.73 -4.37 -3.09
C GLY A 7 6.25 -4.11 -1.70
N GLY A 8 5.48 -3.34 -0.92
CA GLY A 8 5.89 -3.02 0.44
C GLY A 8 6.33 -1.58 0.59
N CYS A 9 5.79 -0.90 1.59
CA CYS A 9 6.12 0.50 1.84
C CYS A 9 5.85 0.88 3.29
N SER A 10 6.11 2.13 3.63
CA SER A 10 5.89 2.61 4.99
C SER A 10 4.73 3.60 5.03
N SER A 11 4.45 4.23 3.88
CA SER A 11 3.38 5.20 3.80
C SER A 11 2.51 4.94 2.57
N THR A 12 1.31 5.53 2.56
CA THR A 12 0.39 5.35 1.45
C THR A 12 0.88 6.08 0.20
N SER A 13 1.71 7.09 0.40
CA SER A 13 2.25 7.86 -0.72
C SER A 13 3.01 6.97 -1.69
N ASP A 14 3.47 5.82 -1.20
CA ASP A 14 4.21 4.87 -2.02
C ASP A 14 3.27 4.17 -3.00
N CYS A 15 2.08 3.82 -2.54
CA CYS A 15 1.09 3.15 -3.38
C CYS A 15 0.60 4.07 -4.48
N CYS A 16 0.86 3.68 -5.73
CA CYS A 16 0.45 4.46 -6.88
C CYS A 16 -0.51 3.67 -7.77
N LYS A 17 -0.60 2.38 -7.49
CA LYS A 17 -1.48 1.50 -8.27
C LYS A 17 -2.85 1.37 -7.60
N HIS A 18 -3.33 2.46 -7.03
CA HIS A 18 -4.63 2.47 -6.36
C HIS A 18 -4.61 1.55 -5.15
N LEU A 19 -3.44 1.40 -4.54
CA LEU A 19 -3.29 0.54 -3.36
C LEU A 19 -3.19 1.38 -2.09
N SER A 20 -3.38 0.73 -0.94
CA SER A 20 -3.31 1.41 0.35
C SER A 20 -2.24 0.80 1.23
N CYS A 21 -1.24 1.59 1.57
CA CYS A 21 -0.14 1.12 2.42
C CYS A 21 -0.57 1.09 3.89
N ARG A 22 -0.92 -0.08 4.37
CA ARG A 22 -1.34 -0.25 5.76
C ARG A 22 -0.14 -0.28 6.70
N SER A 23 -0.28 0.37 7.85
CA SER A 23 0.80 0.42 8.83
C SER A 23 0.91 -0.90 9.59
N ASP A 24 -0.13 -1.72 9.48
CA ASP A 24 -0.15 -3.02 10.16
C ASP A 24 0.96 -3.92 9.62
N TRP A 25 0.92 -4.19 8.32
CA TRP A 25 1.92 -5.04 7.69
C TRP A 25 2.96 -4.20 6.95
N LYS A 26 2.68 -2.91 6.79
CA LYS A 26 3.59 -2.00 6.12
C LYS A 26 3.75 -2.40 4.64
N TYR A 27 2.62 -2.62 3.98
CA TYR A 27 2.64 -3.00 2.56
C TYR A 27 1.36 -2.56 1.87
N CYS A 28 1.47 -2.27 0.58
CA CYS A 28 0.32 -1.83 -0.21
C CYS A 28 -0.82 -2.85 -0.13
N ALA A 29 -2.05 -2.37 -0.31
CA ALA A 29 -3.22 -3.24 -0.26
C ALA A 29 -4.21 -2.88 -1.36
N TRP A 30 -4.86 -3.90 -1.92
CA TRP A 30 -5.84 -3.69 -2.98
C TRP A 30 -7.18 -3.25 -2.41
N ASP A 31 -8.05 -2.77 -3.27
CA ASP A 31 -9.37 -2.31 -2.85
C ASP A 31 -9.26 -1.23 -1.78
N GLY A 32 -8.28 -0.35 -1.94
CA GLY A 32 -8.09 0.72 -0.98
C GLY A 32 -7.87 0.20 0.43
N THR A 33 -8.19 1.03 1.42
CA THR A 33 -8.02 0.66 2.82
C THR A 33 -9.22 -0.15 3.31
N PHE A 34 -8.95 -1.15 4.15
CA PHE A 34 -10.01 -2.00 4.69
C PHE A 34 -10.51 -1.46 6.02
N SER A 35 -11.73 -0.92 6.02
CA SER A 35 -12.32 -0.36 7.24
C SER A 35 -13.44 -1.26 7.75
#